data_7Y9G
#
_entry.id   7Y9G
#
_cell.length_a   92.789
_cell.length_b   92.789
_cell.length_c   81.048
_cell.angle_alpha   90.000
_cell.angle_beta   90.000
_cell.angle_gamma   120.000
#
_symmetry.space_group_name_H-M   'P 32'
#
loop_
_entity.id
_entity.type
_entity.pdbx_description
1 polymer 'Diterpene synthase VenA'
2 non-polymer 'PYROPHOSPHATE 2-'
3 non-polymer 'MAGNESIUM ION'
4 non-polymer 1,2-ETHANEDIOL
5 non-polymer DI(HYDROXYETHYL)ETHER
6 non-polymer 2-AMINO-2-HYDROXYMETHYL-PROPANE-1,3-DIOL
7 non-polymer 'SULFATE ION'
8 water water
#
_entity_poly.entity_id   1
_entity_poly.type   'polypeptide(L)'
_entity_poly.pdbx_seq_one_letter_code
;EQIGGSVITDVDLTRRLLPGDGPGEFFLPPLPRLLPAGYHPDAARIEIASNGWVRRMLADCFDSEESLLFFLRQRNGIYG
PLTVPYAEADRAQNIADWYQFVTVIDSFVSDEAALGADHAAAAETFAAVVADLREGGAGGPAASLYGRAAQDLWRRIAAG
MSARQVDRLVAALEAFLRGCAEEIRSKLDKQVPHFEACMRVRVDSFGCEFLELLTEYAAEVDMSRAATEGLFDEVHHHGM
RQLILVNDLLSWRKEYAQRDTMTTVRVLCEVEGLELQDAVDRLCALVEHHERAYITARDAVLAGPHGHREDVRAYLSGLD
HLIGGSQEFEYLTPRYFGDGSVWDGSTSGWISLTASVARFRDAPAPAPSARPTRPLV
;
_entity_poly.pdbx_strand_id   A,B
#
loop_
_chem_comp.id
_chem_comp.type
_chem_comp.name
_chem_comp.formula
EDO non-polymer 1,2-ETHANEDIOL 'C2 H6 O2'
MG non-polymer 'MAGNESIUM ION' 'Mg 2'
PEG non-polymer DI(HYDROXYETHYL)ETHER 'C4 H10 O3'
POP non-polymer 'PYROPHOSPHATE 2-' 'H2 O7 P2 -2'
SO4 non-polymer 'SULFATE ION' 'O4 S -2'
TRS non-polymer 2-AMINO-2-HYDROXYMETHYL-PROPANE-1,3-DIOL 'C4 H12 N O3 1'
#
# COMPACT_ATOMS: atom_id res chain seq x y z
N PRO A 23 -30.85 -8.24 8.54
CA PRO A 23 -29.63 -8.45 9.37
C PRO A 23 -28.51 -7.46 8.98
N GLY A 24 -28.04 -6.65 9.94
CA GLY A 24 -27.13 -5.52 9.71
C GLY A 24 -25.67 -5.89 9.97
N GLU A 25 -25.41 -7.11 10.41
CA GLU A 25 -24.03 -7.62 10.61
C GLU A 25 -23.99 -9.14 10.66
N PHE A 26 -22.78 -9.67 10.51
CA PHE A 26 -22.47 -11.11 10.64
C PHE A 26 -21.10 -11.26 11.29
N PHE A 27 -20.77 -12.49 11.64
CA PHE A 27 -19.52 -12.85 12.34
C PHE A 27 -18.72 -13.70 11.36
N LEU A 28 -17.47 -13.35 11.09
CA LEU A 28 -16.56 -14.17 10.26
C LEU A 28 -15.57 -14.84 11.21
N PRO A 29 -15.65 -16.19 11.37
CA PRO A 29 -14.75 -16.92 12.25
C PRO A 29 -13.34 -16.89 11.68
N PRO A 30 -12.31 -17.25 12.47
CA PRO A 30 -10.96 -17.40 11.94
C PRO A 30 -11.04 -18.45 10.84
N LEU A 31 -10.37 -18.19 9.72
CA LEU A 31 -10.26 -19.16 8.62
C LEU A 31 -8.95 -19.90 8.83
N PRO A 32 -8.75 -21.07 8.21
CA PRO A 32 -7.60 -21.92 8.52
C PRO A 32 -6.28 -21.17 8.24
N ARG A 33 -6.19 -20.51 7.07
CA ARG A 33 -4.98 -19.75 6.62
C ARG A 33 -3.72 -20.60 6.79
N LEU A 34 -3.74 -21.83 6.28
CA LEU A 34 -2.66 -22.83 6.38
C LEU A 34 -1.56 -22.48 5.38
N LEU A 35 -1.90 -21.83 4.27
CA LEU A 35 -0.95 -21.63 3.15
C LEU A 35 -0.20 -20.33 3.34
N PRO A 36 1.04 -20.25 2.80
CA PRO A 36 1.86 -19.05 2.92
C PRO A 36 1.26 -17.81 2.24
N ALA A 37 1.33 -16.69 2.94
CA ALA A 37 0.95 -15.34 2.47
C ALA A 37 2.18 -14.44 2.60
N GLY A 38 2.95 -14.31 1.53
CA GLY A 38 4.12 -13.43 1.46
C GLY A 38 3.91 -12.24 0.58
N TYR A 39 4.53 -11.13 0.95
CA TYR A 39 4.63 -9.88 0.17
C TYR A 39 5.95 -9.87 -0.59
N HIS A 40 5.90 -9.56 -1.88
CA HIS A 40 7.07 -9.25 -2.71
C HIS A 40 7.90 -8.26 -1.93
N PRO A 41 9.25 -8.40 -1.89
CA PRO A 41 10.09 -7.44 -1.20
C PRO A 41 9.98 -6.01 -1.73
N ASP A 42 9.40 -5.80 -2.92
CA ASP A 42 9.13 -4.47 -3.52
C ASP A 42 7.63 -4.15 -3.57
N ALA A 43 6.79 -4.79 -2.75
CA ALA A 43 5.31 -4.70 -2.87
C ALA A 43 4.82 -3.24 -2.82
N ALA A 44 5.22 -2.47 -1.80
CA ALA A 44 4.75 -1.06 -1.62
C ALA A 44 5.08 -0.22 -2.87
N ARG A 45 6.32 -0.33 -3.38
CA ARG A 45 6.80 0.47 -4.53
C ARG A 45 6.06 0.00 -5.79
N ILE A 46 5.89 -1.30 -5.97
CA ILE A 46 5.15 -1.87 -7.13
C ILE A 46 3.71 -1.33 -7.13
N GLU A 47 3.09 -1.24 -5.95
CA GLU A 47 1.69 -0.76 -5.82
C GLU A 47 1.60 0.66 -6.40
N ILE A 48 2.55 1.51 -5.98
CA ILE A 48 2.66 2.93 -6.42
C ILE A 48 2.87 2.98 -7.93
N ALA A 49 3.82 2.21 -8.46
CA ALA A 49 4.14 2.22 -9.91
C ALA A 49 2.91 1.70 -10.68
N SER A 50 2.16 0.79 -10.08
CA SER A 50 0.91 0.26 -10.67
C SER A 50 -0.12 1.41 -10.72
N ASN A 51 -0.25 2.20 -9.64
CA ASN A 51 -1.13 3.40 -9.60
C ASN A 51 -0.71 4.34 -10.74
N GLY A 52 0.59 4.56 -10.92
CA GLY A 52 1.13 5.38 -12.02
C GLY A 52 0.66 4.86 -13.37
N TRP A 53 0.67 3.55 -13.55
CA TRP A 53 0.26 2.88 -14.81
C TRP A 53 -1.25 3.07 -15.03
N VAL A 54 -2.07 2.91 -14.00
CA VAL A 54 -3.54 3.10 -14.08
C VAL A 54 -3.82 4.56 -14.50
N ARG A 55 -3.13 5.54 -13.90
CA ARG A 55 -3.30 6.95 -14.32
C ARG A 55 -2.97 7.09 -15.81
N ARG A 56 -1.75 6.73 -16.22
CA ARG A 56 -1.26 6.91 -17.62
C ARG A 56 -2.27 6.29 -18.60
N MET A 57 -2.82 5.13 -18.28
CA MET A 57 -3.50 4.26 -19.26
C MET A 57 -5.02 4.34 -19.12
N LEU A 58 -5.54 4.57 -17.91
CA LEU A 58 -6.97 4.32 -17.60
C LEU A 58 -7.68 5.54 -17.01
N ALA A 59 -7.01 6.67 -16.77
CA ALA A 59 -7.59 7.86 -16.10
C ALA A 59 -8.90 8.26 -16.80
N ASP A 60 -8.93 8.21 -18.14
CA ASP A 60 -10.08 8.68 -18.95
C ASP A 60 -11.16 7.60 -19.04
N CYS A 61 -10.97 6.43 -18.42
CA CYS A 61 -12.06 5.43 -18.26
C CYS A 61 -12.92 5.82 -17.06
N PHE A 62 -12.41 6.67 -16.16
CA PHE A 62 -13.17 7.17 -14.98
C PHE A 62 -13.88 8.47 -15.37
N ASP A 63 -15.02 8.75 -14.76
CA ASP A 63 -15.85 9.97 -15.05
C ASP A 63 -15.11 11.22 -14.57
N SER A 64 -14.20 11.07 -13.62
CA SER A 64 -13.54 12.20 -12.93
C SER A 64 -12.28 11.73 -12.22
N GLU A 65 -11.45 12.69 -11.84
CA GLU A 65 -10.26 12.49 -10.99
C GLU A 65 -10.73 11.87 -9.68
N GLU A 66 -11.88 12.29 -9.15
CA GLU A 66 -12.33 11.84 -7.81
C GLU A 66 -12.65 10.34 -7.88
N SER A 67 -13.27 9.88 -8.95
CA SER A 67 -13.70 8.46 -9.11
C SER A 67 -12.48 7.60 -9.48
N LEU A 68 -11.44 8.20 -10.10
CA LEU A 68 -10.12 7.52 -10.29
C LEU A 68 -9.48 7.29 -8.94
N LEU A 69 -9.56 8.27 -8.04
CA LEU A 69 -8.94 8.17 -6.68
C LEU A 69 -9.69 7.15 -5.85
N PHE A 70 -11.01 7.10 -5.96
CA PHE A 70 -11.83 6.06 -5.30
C PHE A 70 -11.30 4.67 -5.69
N PHE A 71 -11.10 4.42 -6.98
CA PHE A 71 -10.44 3.18 -7.47
C PHE A 71 -9.03 2.99 -6.89
N LEU A 72 -8.15 3.98 -6.92
CA LEU A 72 -6.75 3.81 -6.43
C LEU A 72 -6.70 3.58 -4.90
N ARG A 73 -7.64 4.14 -4.14
CA ARG A 73 -7.68 3.95 -2.67
C ARG A 73 -7.97 2.49 -2.34
N GLN A 74 -8.45 1.69 -3.28
CA GLN A 74 -8.71 0.23 -3.03
C GLN A 74 -7.37 -0.53 -2.90
N ARG A 75 -6.25 0.09 -3.29
CA ARG A 75 -4.90 -0.51 -3.18
C ARG A 75 -4.84 -1.84 -3.96
N ASN A 76 -5.53 -1.92 -5.10
CA ASN A 76 -5.53 -3.11 -6.00
C ASN A 76 -4.12 -3.38 -6.52
N GLY A 77 -3.28 -2.34 -6.54
CA GLY A 77 -1.91 -2.43 -7.02
C GLY A 77 -1.01 -3.28 -6.15
N ILE A 78 -1.38 -3.56 -4.89
CA ILE A 78 -0.58 -4.49 -4.04
C ILE A 78 -1.10 -5.93 -4.13
N TYR A 79 -2.23 -6.24 -4.77
CA TYR A 79 -2.69 -7.65 -5.01
C TYR A 79 -1.60 -8.46 -5.74
N GLY A 80 -1.13 -7.97 -6.88
CA GLY A 80 -0.05 -8.64 -7.65
C GLY A 80 1.11 -9.06 -6.76
N PRO A 81 1.79 -8.12 -6.06
CA PRO A 81 2.93 -8.47 -5.21
C PRO A 81 2.59 -9.40 -4.04
N LEU A 82 1.34 -9.41 -3.58
CA LEU A 82 0.93 -10.35 -2.52
C LEU A 82 0.71 -11.74 -3.10
N THR A 83 0.52 -11.89 -4.41
CA THR A 83 0.25 -13.23 -5.03
C THR A 83 1.51 -13.85 -5.62
N VAL A 84 2.51 -13.05 -6.03
CA VAL A 84 3.77 -13.60 -6.64
C VAL A 84 4.96 -12.96 -5.93
N PRO A 85 5.10 -13.22 -4.62
CA PRO A 85 6.14 -12.59 -3.81
C PRO A 85 7.56 -13.04 -4.14
N TYR A 86 7.67 -14.09 -4.96
CA TYR A 86 8.91 -14.79 -5.35
C TYR A 86 9.33 -14.37 -6.77
N ALA A 87 8.50 -13.62 -7.48
CA ALA A 87 8.73 -13.28 -8.91
C ALA A 87 9.77 -12.17 -9.03
N GLU A 88 10.47 -12.12 -10.17
CA GLU A 88 11.30 -10.96 -10.50
C GLU A 88 10.39 -9.73 -10.54
N ALA A 89 10.94 -8.58 -10.14
CA ALA A 89 10.27 -7.27 -10.03
C ALA A 89 9.45 -6.96 -11.29
N ASP A 90 10.02 -7.14 -12.48
CA ASP A 90 9.37 -6.69 -13.74
C ASP A 90 8.09 -7.52 -13.96
N ARG A 91 8.17 -8.83 -13.75
CA ARG A 91 7.03 -9.76 -13.91
C ARG A 91 5.99 -9.47 -12.84
N ALA A 92 6.40 -9.23 -11.59
CA ALA A 92 5.48 -8.83 -10.51
C ALA A 92 4.73 -7.55 -10.90
N GLN A 93 5.47 -6.57 -11.43
CA GLN A 93 4.91 -5.26 -11.85
C GLN A 93 3.87 -5.49 -12.94
N ASN A 94 4.20 -6.36 -13.88
CA ASN A 94 3.30 -6.71 -15.03
C ASN A 94 2.02 -7.33 -14.49
N ILE A 95 2.17 -8.28 -13.57
CA ILE A 95 1.00 -8.95 -12.92
C ILE A 95 0.22 -7.90 -12.09
N ALA A 96 0.91 -7.00 -11.40
CA ALA A 96 0.24 -5.97 -10.57
C ALA A 96 -0.64 -5.12 -11.48
N ASP A 97 -0.10 -4.67 -12.62
CA ASP A 97 -0.82 -3.78 -13.57
C ASP A 97 -2.00 -4.55 -14.15
N TRP A 98 -1.73 -5.80 -14.55
CA TRP A 98 -2.76 -6.77 -15.01
C TRP A 98 -4.00 -6.76 -14.08
N TYR A 99 -3.80 -6.97 -12.77
CA TYR A 99 -4.90 -7.17 -11.79
C TYR A 99 -5.67 -5.84 -11.62
N GLN A 100 -4.96 -4.72 -11.57
CA GLN A 100 -5.63 -3.40 -11.54
C GLN A 100 -6.52 -3.30 -12.78
N PHE A 101 -6.00 -3.71 -13.93
CA PHE A 101 -6.72 -3.56 -15.22
C PHE A 101 -7.99 -4.42 -15.18
N VAL A 102 -7.88 -5.70 -14.78
CA VAL A 102 -9.06 -6.60 -14.81
C VAL A 102 -10.07 -6.12 -13.77
N THR A 103 -9.59 -5.54 -12.68
CA THR A 103 -10.45 -5.08 -11.58
C THR A 103 -11.24 -3.87 -12.07
N VAL A 104 -10.59 -2.96 -12.84
CA VAL A 104 -11.30 -1.85 -13.52
C VAL A 104 -12.42 -2.46 -14.37
N ILE A 105 -12.10 -3.48 -15.20
CA ILE A 105 -13.09 -4.16 -16.08
C ILE A 105 -14.18 -4.80 -15.22
N ASP A 106 -13.80 -5.54 -14.18
CA ASP A 106 -14.76 -6.24 -13.29
C ASP A 106 -15.76 -5.25 -12.72
N SER A 107 -15.27 -4.07 -12.29
CA SER A 107 -16.09 -3.01 -11.65
C SER A 107 -17.01 -2.35 -12.68
N PHE A 108 -16.54 -2.13 -13.91
CA PHE A 108 -17.30 -1.51 -15.01
C PHE A 108 -18.51 -2.37 -15.39
N VAL A 109 -18.31 -3.67 -15.63
CA VAL A 109 -19.32 -4.58 -16.26
C VAL A 109 -20.25 -5.16 -15.18
N SER A 110 -19.87 -5.11 -13.91
CA SER A 110 -20.75 -5.48 -12.77
C SER A 110 -21.56 -4.26 -12.33
N ASP A 111 -21.34 -3.10 -12.96
CA ASP A 111 -22.03 -1.83 -12.63
C ASP A 111 -23.10 -1.58 -13.69
N GLU A 112 -24.38 -1.61 -13.28
CA GLU A 112 -25.56 -1.48 -14.17
C GLU A 112 -25.74 -0.02 -14.60
N ALA A 113 -25.22 0.93 -13.81
CA ALA A 113 -25.16 2.38 -14.16
C ALA A 113 -24.35 2.56 -15.44
N ALA A 114 -23.12 2.01 -15.45
CA ALA A 114 -22.14 2.11 -16.56
C ALA A 114 -22.60 1.30 -17.76
N LEU A 115 -23.21 0.13 -17.50
CA LEU A 115 -23.52 -0.91 -18.51
C LEU A 115 -24.91 -0.63 -19.15
N GLY A 116 -25.93 -0.40 -18.32
CA GLY A 116 -27.36 -0.36 -18.69
C GLY A 116 -28.17 -1.26 -17.76
N ALA A 117 -29.46 -0.95 -17.54
CA ALA A 117 -30.35 -1.67 -16.58
C ALA A 117 -31.33 -2.59 -17.33
N ASP A 118 -31.16 -2.75 -18.66
CA ASP A 118 -32.04 -3.53 -19.58
C ASP A 118 -31.15 -4.30 -20.57
N HIS A 119 -31.66 -5.40 -21.16
CA HIS A 119 -30.88 -6.32 -22.03
C HIS A 119 -30.21 -5.55 -23.17
N ALA A 120 -31.00 -4.91 -24.05
CA ALA A 120 -30.53 -4.18 -25.26
C ALA A 120 -29.28 -3.35 -24.94
N ALA A 121 -29.37 -2.48 -23.93
CA ALA A 121 -28.34 -1.46 -23.55
C ALA A 121 -27.09 -2.12 -22.97
N ALA A 122 -27.25 -3.06 -22.03
CA ALA A 122 -26.17 -3.84 -21.38
C ALA A 122 -25.31 -4.56 -22.43
N ALA A 123 -25.95 -5.20 -23.40
CA ALA A 123 -25.31 -6.05 -24.45
C ALA A 123 -24.51 -5.18 -25.43
N GLU A 124 -25.05 -4.00 -25.79
CA GLU A 124 -24.38 -3.04 -26.70
C GLU A 124 -23.05 -2.62 -26.05
N THR A 125 -23.12 -2.10 -24.82
CA THR A 125 -21.94 -1.63 -24.02
C THR A 125 -20.96 -2.79 -23.78
N PHE A 126 -21.48 -3.99 -23.55
CA PHE A 126 -20.64 -5.19 -23.30
C PHE A 126 -19.91 -5.55 -24.59
N ALA A 127 -20.59 -5.56 -25.74
CA ALA A 127 -19.96 -5.85 -27.06
C ALA A 127 -18.75 -4.92 -27.26
N ALA A 128 -18.91 -3.65 -26.92
CA ALA A 128 -17.92 -2.56 -27.10
C ALA A 128 -16.67 -2.91 -26.28
N VAL A 129 -16.88 -3.28 -25.02
CA VAL A 129 -15.80 -3.73 -24.09
C VAL A 129 -15.10 -4.95 -24.68
N VAL A 130 -15.84 -5.96 -25.15
CA VAL A 130 -15.27 -7.20 -25.76
C VAL A 130 -14.34 -6.81 -26.93
N ALA A 131 -14.85 -6.07 -27.91
CA ALA A 131 -14.09 -5.54 -29.08
C ALA A 131 -12.80 -4.84 -28.60
N ASP A 132 -12.93 -3.83 -27.74
CA ASP A 132 -11.80 -3.01 -27.21
C ASP A 132 -10.70 -3.92 -26.64
N LEU A 133 -11.07 -4.95 -25.88
CA LEU A 133 -10.10 -5.85 -25.18
C LEU A 133 -9.49 -6.85 -26.18
N ARG A 134 -10.14 -7.09 -27.31
CA ARG A 134 -9.62 -8.03 -28.35
C ARG A 134 -8.52 -7.34 -29.17
N GLU A 135 -8.49 -5.99 -29.22
CA GLU A 135 -7.38 -5.21 -29.82
C GLU A 135 -6.06 -5.52 -29.08
N GLY A 136 -6.15 -6.26 -27.96
CA GLY A 136 -5.05 -6.57 -27.04
C GLY A 136 -3.81 -7.15 -27.70
N GLY A 137 -3.98 -8.14 -28.60
CA GLY A 137 -2.85 -8.86 -29.23
C GLY A 137 -2.76 -8.64 -30.73
N ALA A 138 -3.44 -7.62 -31.26
CA ALA A 138 -3.50 -7.26 -32.71
C ALA A 138 -2.26 -6.46 -33.14
N GLY A 139 -1.99 -6.43 -34.44
CA GLY A 139 -0.83 -5.75 -35.05
C GLY A 139 -0.99 -4.25 -35.16
N GLY A 140 -2.25 -3.75 -35.16
CA GLY A 140 -2.58 -2.32 -35.31
C GLY A 140 -2.73 -1.64 -33.96
N PRO A 141 -2.50 -0.31 -33.85
CA PRO A 141 -2.76 0.42 -32.61
C PRO A 141 -4.26 0.36 -32.26
N ALA A 142 -4.59 0.26 -30.97
CA ALA A 142 -5.99 0.26 -30.46
C ALA A 142 -6.56 1.68 -30.58
N ALA A 143 -7.82 1.83 -30.97
CA ALA A 143 -8.56 3.13 -30.98
C ALA A 143 -9.03 3.49 -29.57
N SER A 144 -9.24 2.47 -28.71
CA SER A 144 -9.89 2.59 -27.37
C SER A 144 -8.84 2.67 -26.26
N LEU A 145 -9.21 3.31 -25.14
CA LEU A 145 -8.42 3.30 -23.88
C LEU A 145 -8.23 1.85 -23.40
N TYR A 146 -9.29 1.03 -23.31
CA TYR A 146 -9.15 -0.39 -22.86
C TYR A 146 -8.21 -1.14 -23.80
N GLY A 147 -8.37 -0.97 -25.12
CA GLY A 147 -7.51 -1.66 -26.09
C GLY A 147 -6.05 -1.29 -25.90
N ARG A 148 -5.74 -0.01 -25.69
CA ARG A 148 -4.34 0.46 -25.51
C ARG A 148 -3.78 -0.12 -24.20
N ALA A 149 -4.58 -0.20 -23.15
CA ALA A 149 -4.14 -0.77 -21.85
C ALA A 149 -3.83 -2.27 -22.03
N ALA A 150 -4.72 -2.99 -22.72
CA ALA A 150 -4.56 -4.42 -23.04
C ALA A 150 -3.30 -4.65 -23.87
N GLN A 151 -3.04 -3.79 -24.88
CA GLN A 151 -1.88 -3.93 -25.80
C GLN A 151 -0.58 -3.76 -25.01
N ASP A 152 -0.52 -2.75 -24.15
CA ASP A 152 0.65 -2.54 -23.26
C ASP A 152 0.89 -3.82 -22.45
N LEU A 153 -0.13 -4.38 -21.79
CA LEU A 153 0.05 -5.57 -20.92
C LEU A 153 0.47 -6.77 -21.77
N TRP A 154 -0.19 -6.99 -22.92
CA TRP A 154 0.14 -8.06 -23.90
C TRP A 154 1.62 -8.03 -24.29
N ARG A 155 2.12 -6.88 -24.75
CA ARG A 155 3.51 -6.78 -25.26
C ARG A 155 4.46 -7.05 -24.10
N ARG A 156 4.09 -6.68 -22.86
CA ARG A 156 4.97 -6.81 -21.66
C ARG A 156 5.03 -8.27 -21.20
N ILE A 157 3.88 -8.94 -21.12
CA ILE A 157 3.78 -10.30 -20.52
C ILE A 157 4.11 -11.34 -21.60
N ALA A 158 3.58 -11.17 -22.82
CA ALA A 158 3.72 -12.15 -23.92
C ALA A 158 5.20 -12.33 -24.26
N ALA A 159 6.03 -11.30 -24.09
CA ALA A 159 7.49 -11.35 -24.31
C ALA A 159 8.08 -12.54 -23.54
N GLY A 160 7.60 -12.81 -22.33
CA GLY A 160 8.13 -13.85 -21.42
C GLY A 160 7.33 -15.13 -21.47
N MET A 161 6.50 -15.32 -22.49
CA MET A 161 5.68 -16.55 -22.66
C MET A 161 6.09 -17.31 -23.92
N SER A 162 5.89 -18.62 -23.89
CA SER A 162 5.91 -19.55 -25.05
C SER A 162 4.68 -19.26 -25.92
N ALA A 163 4.69 -19.66 -27.19
CA ALA A 163 3.57 -19.48 -28.14
C ALA A 163 2.29 -20.13 -27.57
N ARG A 164 2.44 -21.31 -26.98
CA ARG A 164 1.36 -22.07 -26.30
C ARG A 164 0.78 -21.23 -25.14
N GLN A 165 1.64 -20.63 -24.32
CA GLN A 165 1.18 -19.76 -23.19
C GLN A 165 0.42 -18.57 -23.78
N VAL A 166 0.97 -17.93 -24.82
CA VAL A 166 0.31 -16.77 -25.49
C VAL A 166 -1.07 -17.18 -25.99
N ASP A 167 -1.23 -18.34 -26.63
CA ASP A 167 -2.55 -18.83 -27.12
C ASP A 167 -3.48 -19.04 -25.91
N ARG A 168 -2.97 -19.65 -24.83
CA ARG A 168 -3.72 -19.88 -23.56
C ARG A 168 -4.16 -18.53 -22.98
N LEU A 169 -3.33 -17.51 -23.10
CA LEU A 169 -3.66 -16.15 -22.61
C LEU A 169 -4.90 -15.65 -23.34
N VAL A 170 -4.99 -15.94 -24.65
CA VAL A 170 -6.15 -15.59 -25.53
C VAL A 170 -7.39 -16.34 -25.04
N ALA A 171 -7.30 -17.66 -24.81
CA ALA A 171 -8.42 -18.49 -24.31
C ALA A 171 -8.89 -17.93 -22.95
N ALA A 172 -7.95 -17.59 -22.07
CA ALA A 172 -8.22 -17.16 -20.67
C ALA A 172 -9.02 -15.85 -20.69
N LEU A 173 -8.65 -14.86 -21.51
CA LEU A 173 -9.47 -13.63 -21.68
C LEU A 173 -10.86 -14.01 -22.21
N GLU A 174 -10.91 -14.89 -23.19
CA GLU A 174 -12.21 -15.33 -23.77
C GLU A 174 -13.04 -15.90 -22.60
N ALA A 175 -12.43 -16.68 -21.71
CA ALA A 175 -13.12 -17.38 -20.59
C ALA A 175 -13.70 -16.35 -19.60
N PHE A 176 -12.88 -15.38 -19.21
CA PHE A 176 -13.24 -14.27 -18.28
C PHE A 176 -14.49 -13.58 -18.81
N LEU A 177 -14.50 -13.26 -20.11
CA LEU A 177 -15.56 -12.44 -20.74
C LEU A 177 -16.85 -13.25 -20.86
N ARG A 178 -16.76 -14.55 -21.19
CA ARG A 178 -17.91 -15.50 -21.16
C ARG A 178 -18.48 -15.52 -19.73
N GLY A 179 -17.59 -15.63 -18.73
CA GLY A 179 -17.93 -15.54 -17.30
C GLY A 179 -18.72 -14.28 -16.96
N CYS A 180 -18.15 -13.08 -17.21
CA CYS A 180 -18.80 -11.76 -16.94
C CYS A 180 -20.17 -11.69 -17.63
N ALA A 181 -20.27 -12.18 -18.87
CA ALA A 181 -21.52 -12.10 -19.65
C ALA A 181 -22.60 -12.96 -18.98
N GLU A 182 -22.27 -14.15 -18.48
CA GLU A 182 -23.27 -15.01 -17.80
C GLU A 182 -23.75 -14.34 -16.51
N GLU A 183 -22.85 -13.67 -15.77
CA GLU A 183 -23.20 -12.90 -14.54
C GLU A 183 -24.13 -11.76 -14.92
N ILE A 184 -23.80 -11.03 -15.99
CA ILE A 184 -24.58 -9.84 -16.43
C ILE A 184 -26.01 -10.33 -16.72
N ARG A 185 -26.14 -11.41 -17.50
CA ARG A 185 -27.44 -12.01 -17.90
C ARG A 185 -28.23 -12.40 -16.64
N SER A 186 -27.58 -13.12 -15.72
CA SER A 186 -28.08 -13.55 -14.37
C SER A 186 -28.65 -12.35 -13.59
N LYS A 187 -27.92 -11.24 -13.46
CA LYS A 187 -28.38 -10.02 -12.74
C LYS A 187 -29.65 -9.48 -13.41
N LEU A 188 -29.60 -9.27 -14.73
CA LEU A 188 -30.75 -8.72 -15.52
C LEU A 188 -31.99 -9.57 -15.30
N ASP A 189 -31.86 -10.90 -15.35
CA ASP A 189 -32.98 -11.87 -15.28
C ASP A 189 -33.34 -12.21 -13.83
N LYS A 190 -32.61 -11.66 -12.86
CA LYS A 190 -32.94 -11.77 -11.41
C LYS A 190 -33.01 -13.26 -11.03
N GLN A 191 -32.06 -14.06 -11.52
CA GLN A 191 -32.06 -15.54 -11.41
C GLN A 191 -30.76 -15.94 -10.71
N VAL A 192 -30.82 -16.25 -9.43
CA VAL A 192 -29.61 -16.64 -8.65
C VAL A 192 -29.30 -18.08 -9.01
N PRO A 193 -28.07 -18.43 -9.43
CA PRO A 193 -27.76 -19.80 -9.77
C PRO A 193 -27.70 -20.64 -8.50
N HIS A 194 -27.93 -21.95 -8.64
CA HIS A 194 -27.65 -22.98 -7.60
C HIS A 194 -26.14 -23.09 -7.47
N PHE A 195 -25.67 -23.66 -6.36
CA PHE A 195 -24.26 -23.54 -5.92
C PHE A 195 -23.32 -24.00 -7.04
N GLU A 196 -23.59 -25.16 -7.65
CA GLU A 196 -22.68 -25.79 -8.64
C GLU A 196 -22.64 -24.93 -9.92
N ALA A 197 -23.76 -24.32 -10.30
CA ALA A 197 -23.85 -23.41 -11.47
C ALA A 197 -23.01 -22.16 -11.18
N CYS A 198 -23.12 -21.64 -9.95
CA CYS A 198 -22.34 -20.48 -9.48
C CYS A 198 -20.86 -20.81 -9.59
N MET A 199 -20.42 -21.98 -9.10
CA MET A 199 -18.98 -22.35 -9.14
C MET A 199 -18.53 -22.60 -10.60
N ARG A 200 -19.41 -23.13 -11.46
CA ARG A 200 -19.12 -23.32 -12.91
C ARG A 200 -18.87 -21.95 -13.54
N VAL A 201 -19.80 -21.02 -13.36
CA VAL A 201 -19.69 -19.65 -13.94
C VAL A 201 -18.38 -19.05 -13.44
N ARG A 202 -18.13 -19.14 -12.13
CA ARG A 202 -17.08 -18.33 -11.48
C ARG A 202 -15.69 -18.83 -11.85
N VAL A 203 -15.53 -20.07 -12.31
CA VAL A 203 -14.18 -20.55 -12.78
C VAL A 203 -13.75 -19.62 -13.93
N ASP A 204 -14.70 -19.28 -14.80
CA ASP A 204 -14.49 -18.35 -15.93
C ASP A 204 -14.39 -16.94 -15.37
N SER A 205 -15.44 -16.49 -14.66
CA SER A 205 -15.62 -15.05 -14.33
C SER A 205 -14.55 -14.58 -13.34
N PHE A 206 -14.03 -15.49 -12.52
CA PHE A 206 -12.97 -15.22 -11.52
C PHE A 206 -11.62 -15.15 -12.22
N GLY A 207 -11.54 -15.53 -13.50
CA GLY A 207 -10.30 -15.44 -14.29
C GLY A 207 -9.30 -16.53 -13.93
N CYS A 208 -9.77 -17.72 -13.53
CA CYS A 208 -8.93 -18.83 -13.03
C CYS A 208 -7.85 -19.20 -14.04
N GLU A 209 -8.20 -19.31 -15.32
CA GLU A 209 -7.25 -19.62 -16.42
C GLU A 209 -6.14 -18.57 -16.42
N PHE A 210 -6.46 -17.27 -16.31
CA PHE A 210 -5.45 -16.18 -16.15
C PHE A 210 -4.61 -16.43 -14.90
N LEU A 211 -5.23 -16.67 -13.74
CA LEU A 211 -4.47 -16.79 -12.47
C LEU A 211 -3.42 -17.90 -12.62
N GLU A 212 -3.81 -19.03 -13.22
CA GLU A 212 -2.93 -20.22 -13.39
C GLU A 212 -1.80 -19.85 -14.37
N LEU A 213 -2.13 -19.28 -15.51
CA LEU A 213 -1.15 -18.84 -16.53
C LEU A 213 -0.17 -17.83 -15.91
N LEU A 214 -0.67 -16.82 -15.20
CA LEU A 214 0.18 -15.77 -14.60
C LEU A 214 1.05 -16.38 -13.50
N THR A 215 0.54 -17.41 -12.81
CA THR A 215 1.32 -18.16 -11.80
C THR A 215 2.49 -18.86 -12.48
N GLU A 216 2.29 -19.36 -13.69
CA GLU A 216 3.35 -19.99 -14.52
C GLU A 216 4.39 -18.92 -14.86
N TYR A 217 3.94 -17.80 -15.42
CA TYR A 217 4.76 -16.64 -15.86
C TYR A 217 5.58 -16.10 -14.67
N ALA A 218 5.00 -15.93 -13.48
CA ALA A 218 5.70 -15.45 -12.27
C ALA A 218 6.83 -16.43 -11.88
N ALA A 219 6.54 -17.72 -11.95
CA ALA A 219 7.48 -18.81 -11.56
C ALA A 219 8.46 -19.12 -12.70
N GLU A 220 8.26 -18.55 -13.89
CA GLU A 220 9.18 -18.64 -15.06
C GLU A 220 9.21 -20.09 -15.54
N VAL A 221 8.03 -20.70 -15.64
CA VAL A 221 7.86 -22.10 -16.09
C VAL A 221 6.77 -22.11 -17.14
N ASP A 222 6.62 -23.25 -17.81
CA ASP A 222 5.58 -23.52 -18.84
C ASP A 222 4.94 -24.86 -18.47
N MET A 223 3.70 -24.85 -17.96
CA MET A 223 2.99 -26.08 -17.54
C MET A 223 1.91 -26.40 -18.57
N SER A 224 2.05 -25.88 -19.79
CA SER A 224 1.06 -26.07 -20.87
C SER A 224 0.71 -27.56 -21.01
N ARG A 225 1.72 -28.44 -21.16
CA ARG A 225 1.49 -29.90 -21.40
C ARG A 225 0.80 -30.51 -20.17
N ALA A 226 1.43 -30.37 -19.01
CA ALA A 226 0.97 -30.89 -17.70
C ALA A 226 -0.51 -30.56 -17.50
N ALA A 227 -0.88 -29.31 -17.79
CA ALA A 227 -2.24 -28.78 -17.56
C ALA A 227 -3.20 -29.55 -18.48
N THR A 228 -2.87 -29.58 -19.77
CA THR A 228 -3.62 -30.28 -20.84
C THR A 228 -3.75 -31.77 -20.49
N GLU A 229 -2.67 -32.36 -19.96
CA GLU A 229 -2.57 -33.78 -19.56
C GLU A 229 -3.42 -34.05 -18.30
N GLY A 230 -3.80 -33.01 -17.54
CA GLY A 230 -4.71 -33.08 -16.39
C GLY A 230 -3.98 -33.22 -15.05
N LEU A 231 -2.69 -32.98 -15.01
CA LEU A 231 -1.89 -33.22 -13.79
C LEU A 231 -2.43 -32.37 -12.62
N PHE A 232 -2.89 -31.14 -12.90
CA PHE A 232 -3.28 -30.15 -11.87
C PHE A 232 -4.81 -30.00 -11.75
N ASP A 233 -5.58 -30.94 -12.26
CA ASP A 233 -7.07 -30.90 -12.28
C ASP A 233 -7.65 -30.84 -10.84
N GLU A 234 -7.18 -31.69 -9.93
CA GLU A 234 -7.63 -31.68 -8.51
C GLU A 234 -7.10 -30.44 -7.79
N VAL A 235 -5.81 -30.16 -7.93
CA VAL A 235 -5.11 -28.96 -7.39
C VAL A 235 -5.89 -27.70 -7.79
N HIS A 236 -6.24 -27.56 -9.06
CA HIS A 236 -6.94 -26.37 -9.59
C HIS A 236 -8.37 -26.35 -9.06
N HIS A 237 -9.09 -27.48 -9.14
CA HIS A 237 -10.49 -27.55 -8.68
C HIS A 237 -10.59 -27.04 -7.23
N HIS A 238 -9.78 -27.57 -6.32
CA HIS A 238 -9.82 -27.24 -4.86
C HIS A 238 -9.27 -25.83 -4.59
N GLY A 239 -8.17 -25.45 -5.24
CA GLY A 239 -7.50 -24.15 -5.02
C GLY A 239 -8.38 -23.00 -5.48
N MET A 240 -8.97 -23.13 -6.67
CA MET A 240 -9.85 -22.09 -7.24
C MET A 240 -11.12 -22.02 -6.39
N ARG A 241 -11.61 -23.15 -5.88
CA ARG A 241 -12.85 -23.14 -5.07
C ARG A 241 -12.57 -22.41 -3.77
N GLN A 242 -11.42 -22.68 -3.15
CA GLN A 242 -11.00 -21.92 -1.93
C GLN A 242 -10.93 -20.42 -2.26
N LEU A 243 -10.25 -20.03 -3.34
CA LEU A 243 -10.07 -18.61 -3.73
C LEU A 243 -11.43 -17.92 -3.90
N ILE A 244 -12.35 -18.58 -4.63
CA ILE A 244 -13.69 -18.01 -4.93
C ILE A 244 -14.49 -17.86 -3.63
N LEU A 245 -14.47 -18.88 -2.79
CA LEU A 245 -15.29 -18.88 -1.55
C LEU A 245 -14.78 -17.79 -0.62
N VAL A 246 -13.46 -17.68 -0.47
CA VAL A 246 -12.86 -16.65 0.43
C VAL A 246 -13.22 -15.27 -0.11
N ASN A 247 -13.20 -15.09 -1.44
CA ASN A 247 -13.59 -13.82 -2.06
C ASN A 247 -15.09 -13.59 -1.78
N ASP A 248 -15.95 -14.59 -1.91
CA ASP A 248 -17.41 -14.39 -1.68
C ASP A 248 -17.64 -13.88 -0.25
N LEU A 249 -16.97 -14.49 0.73
CA LEU A 249 -17.07 -14.07 2.15
C LEU A 249 -16.58 -12.63 2.34
N LEU A 250 -15.36 -12.32 1.89
CA LEU A 250 -14.78 -10.97 2.16
C LEU A 250 -15.41 -9.89 1.26
N SER A 251 -15.97 -10.26 0.12
CA SER A 251 -16.58 -9.31 -0.83
C SER A 251 -18.11 -9.21 -0.61
N TRP A 252 -18.71 -9.95 0.33
CA TRP A 252 -20.20 -9.94 0.50
C TRP A 252 -20.70 -8.53 0.89
N ARG A 253 -20.02 -7.86 1.81
CA ARG A 253 -20.39 -6.49 2.24
C ARG A 253 -20.73 -5.67 0.99
N LYS A 254 -19.86 -5.73 -0.02
CA LYS A 254 -19.96 -4.84 -1.20
C LYS A 254 -20.94 -5.44 -2.22
N GLU A 255 -21.00 -6.76 -2.35
CA GLU A 255 -21.89 -7.40 -3.37
C GLU A 255 -23.34 -7.30 -2.90
N TYR A 256 -23.58 -7.37 -1.60
CA TYR A 256 -24.89 -7.12 -0.97
C TYR A 256 -25.36 -5.73 -1.46
N ALA A 257 -24.56 -4.68 -1.24
CA ALA A 257 -24.93 -3.29 -1.62
C ALA A 257 -25.17 -3.22 -3.14
N GLN A 258 -24.33 -3.89 -3.94
CA GLN A 258 -24.32 -3.78 -5.43
C GLN A 258 -25.30 -4.76 -6.08
N ARG A 259 -26.05 -5.56 -5.32
CA ARG A 259 -27.08 -6.53 -5.81
C ARG A 259 -26.51 -7.52 -6.85
N ASP A 260 -25.24 -7.92 -6.71
CA ASP A 260 -24.60 -9.01 -7.50
C ASP A 260 -25.20 -10.36 -7.07
N THR A 261 -25.39 -11.24 -8.05
CA THR A 261 -26.09 -12.54 -7.88
C THR A 261 -25.08 -13.69 -7.86
N MET A 262 -23.89 -13.50 -8.43
CA MET A 262 -22.90 -14.60 -8.64
C MET A 262 -21.95 -14.68 -7.44
N THR A 263 -22.53 -14.92 -6.27
CA THR A 263 -21.84 -15.14 -4.98
C THR A 263 -22.55 -16.25 -4.21
N THR A 264 -21.78 -17.18 -3.66
CA THR A 264 -22.27 -18.34 -2.87
C THR A 264 -23.01 -17.86 -1.62
N VAL A 265 -22.72 -16.68 -1.11
CA VAL A 265 -23.47 -16.10 0.03
C VAL A 265 -24.93 -15.93 -0.38
N ARG A 266 -25.16 -15.31 -1.53
CA ARG A 266 -26.52 -15.16 -2.05
C ARG A 266 -27.11 -16.52 -2.42
N VAL A 267 -26.34 -17.45 -2.98
CA VAL A 267 -26.87 -18.79 -3.33
C VAL A 267 -27.45 -19.44 -2.06
N LEU A 268 -26.68 -19.48 -0.97
CA LEU A 268 -27.10 -20.23 0.24
C LEU A 268 -28.31 -19.54 0.87
N CYS A 269 -28.32 -18.20 0.90
CA CYS A 269 -29.43 -17.40 1.49
C CYS A 269 -30.71 -17.52 0.67
N GLU A 270 -30.64 -17.36 -0.65
CA GLU A 270 -31.85 -17.17 -1.49
C GLU A 270 -32.25 -18.49 -2.15
N VAL A 271 -31.32 -19.32 -2.62
CA VAL A 271 -31.66 -20.61 -3.29
C VAL A 271 -31.94 -21.66 -2.21
N GLU A 272 -31.10 -21.73 -1.17
CA GLU A 272 -31.14 -22.83 -0.17
C GLU A 272 -31.84 -22.40 1.14
N GLY A 273 -32.21 -21.14 1.31
CA GLY A 273 -33.13 -20.69 2.38
C GLY A 273 -32.44 -20.32 3.68
N LEU A 274 -31.12 -20.22 3.69
CA LEU A 274 -30.31 -20.05 4.93
C LEU A 274 -30.29 -18.57 5.33
N GLU A 275 -30.37 -18.28 6.64
CA GLU A 275 -30.03 -16.96 7.24
C GLU A 275 -28.53 -16.71 7.02
N LEU A 276 -28.15 -15.45 6.93
CA LEU A 276 -26.77 -14.97 6.66
C LEU A 276 -25.76 -15.72 7.53
N GLN A 277 -25.98 -15.81 8.84
CA GLN A 277 -24.91 -16.35 9.73
C GLN A 277 -24.69 -17.81 9.40
N ASP A 278 -25.73 -18.59 9.13
CA ASP A 278 -25.58 -20.02 8.75
C ASP A 278 -24.87 -20.12 7.41
N ALA A 279 -25.23 -19.28 6.44
CA ALA A 279 -24.58 -19.26 5.11
C ALA A 279 -23.09 -19.06 5.35
N VAL A 280 -22.76 -18.04 6.12
CA VAL A 280 -21.36 -17.64 6.40
C VAL A 280 -20.65 -18.85 7.03
N ASP A 281 -21.27 -19.45 8.05
CA ASP A 281 -20.62 -20.58 8.79
C ASP A 281 -20.40 -21.75 7.83
N ARG A 282 -21.40 -22.07 7.01
CA ARG A 282 -21.31 -23.17 6.01
C ARG A 282 -20.12 -22.91 5.08
N LEU A 283 -19.98 -21.69 4.56
CA LEU A 283 -18.95 -21.35 3.55
C LEU A 283 -17.57 -21.34 4.21
N CYS A 284 -17.45 -20.96 5.48
CA CYS A 284 -16.16 -21.04 6.21
C CYS A 284 -15.74 -22.51 6.33
N ALA A 285 -16.68 -23.42 6.60
CA ALA A 285 -16.40 -24.86 6.68
C ALA A 285 -16.00 -25.33 5.28
N LEU A 286 -16.66 -24.81 4.25
CA LEU A 286 -16.30 -25.19 2.85
C LEU A 286 -14.92 -24.63 2.49
N VAL A 287 -14.58 -23.40 2.89
CA VAL A 287 -13.19 -22.89 2.69
C VAL A 287 -12.21 -23.92 3.27
N GLU A 288 -12.42 -24.35 4.51
CA GLU A 288 -11.49 -25.31 5.15
C GLU A 288 -11.45 -26.63 4.36
N HIS A 289 -12.59 -27.15 3.95
CA HIS A 289 -12.70 -28.39 3.15
C HIS A 289 -11.80 -28.28 1.93
N HIS A 290 -12.00 -27.23 1.12
CA HIS A 290 -11.28 -27.05 -0.17
C HIS A 290 -9.81 -26.66 0.09
N GLU A 291 -9.51 -25.92 1.17
CA GLU A 291 -8.10 -25.60 1.50
C GLU A 291 -7.32 -26.90 1.81
N ARG A 292 -7.89 -27.80 2.61
CA ARG A 292 -7.25 -29.08 2.98
C ARG A 292 -7.27 -29.99 1.77
N ALA A 293 -8.36 -29.92 0.99
CA ALA A 293 -8.44 -30.74 -0.24
C ALA A 293 -7.34 -30.25 -1.18
N TYR A 294 -7.11 -28.93 -1.28
CA TYR A 294 -6.02 -28.35 -2.12
C TYR A 294 -4.68 -28.93 -1.65
N ILE A 295 -4.42 -28.85 -0.36
CA ILE A 295 -3.13 -29.31 0.25
C ILE A 295 -2.90 -30.80 -0.07
N THR A 296 -3.95 -31.62 -0.01
CA THR A 296 -3.88 -33.09 -0.23
C THR A 296 -3.57 -33.33 -1.72
N ALA A 297 -4.37 -32.73 -2.61
CA ALA A 297 -4.18 -32.83 -4.08
C ALA A 297 -2.78 -32.37 -4.46
N ARG A 298 -2.32 -31.26 -3.88
CA ARG A 298 -0.96 -30.71 -4.13
C ARG A 298 0.09 -31.71 -3.63
N ASP A 299 -0.06 -32.26 -2.43
CA ASP A 299 0.97 -33.13 -1.80
C ASP A 299 1.06 -34.42 -2.61
N ALA A 300 -0.07 -34.85 -3.19
CA ALA A 300 -0.18 -36.02 -4.09
C ALA A 300 0.65 -35.83 -5.36
N VAL A 301 0.56 -34.66 -6.01
CA VAL A 301 1.37 -34.35 -7.22
C VAL A 301 2.85 -34.34 -6.80
N LEU A 302 3.18 -33.81 -5.63
CA LEU A 302 4.57 -33.70 -5.12
C LEU A 302 5.13 -35.09 -4.78
N ALA A 303 4.26 -36.06 -4.44
CA ALA A 303 4.60 -37.46 -4.12
C ALA A 303 4.41 -38.32 -5.37
N GLY A 304 3.85 -37.73 -6.42
CA GLY A 304 3.64 -38.44 -7.69
C GLY A 304 4.86 -38.34 -8.61
N PRO A 305 4.73 -38.87 -9.84
CA PRO A 305 5.88 -39.02 -10.74
C PRO A 305 6.41 -37.68 -11.29
N HIS A 306 5.63 -36.59 -11.17
CA HIS A 306 6.05 -35.24 -11.64
C HIS A 306 6.59 -34.42 -10.46
N GLY A 307 6.46 -34.92 -9.25
CA GLY A 307 6.68 -34.16 -8.01
C GLY A 307 8.12 -33.72 -7.84
N HIS A 308 9.04 -34.34 -8.56
CA HIS A 308 10.50 -34.11 -8.45
C HIS A 308 10.91 -32.96 -9.38
N ARG A 309 10.17 -32.74 -10.48
CA ARG A 309 10.43 -31.66 -11.47
C ARG A 309 10.49 -30.28 -10.80
N GLU A 310 11.60 -29.56 -10.99
CA GLU A 310 11.78 -28.20 -10.40
C GLU A 310 10.66 -27.28 -10.90
N ASP A 311 10.23 -27.42 -12.15
CA ASP A 311 9.20 -26.52 -12.75
C ASP A 311 7.85 -26.78 -12.06
N VAL A 312 7.53 -28.04 -11.80
CA VAL A 312 6.28 -28.43 -11.08
C VAL A 312 6.34 -27.93 -9.63
N ARG A 313 7.45 -28.12 -8.94
CA ARG A 313 7.66 -27.63 -7.56
C ARG A 313 7.44 -26.11 -7.49
N ALA A 314 7.93 -25.35 -8.48
CA ALA A 314 7.86 -23.86 -8.52
C ALA A 314 6.40 -23.44 -8.78
N TYR A 315 5.73 -24.10 -9.72
CA TYR A 315 4.32 -23.80 -10.03
C TYR A 315 3.45 -24.03 -8.79
N LEU A 316 3.62 -25.16 -8.10
CA LEU A 316 2.76 -25.51 -6.95
C LEU A 316 3.07 -24.59 -5.75
N SER A 317 4.33 -24.21 -5.55
CA SER A 317 4.65 -23.14 -4.57
C SER A 317 4.01 -21.79 -5.00
N GLY A 318 4.01 -21.45 -6.28
CA GLY A 318 3.31 -20.27 -6.85
C GLY A 318 1.82 -20.27 -6.53
N LEU A 319 1.14 -21.43 -6.63
CA LEU A 319 -0.29 -21.57 -6.25
C LEU A 319 -0.45 -21.42 -4.74
N ASP A 320 0.38 -22.08 -3.92
CA ASP A 320 0.34 -21.86 -2.45
C ASP A 320 0.25 -20.36 -2.17
N HIS A 321 1.17 -19.57 -2.77
CA HIS A 321 1.32 -18.11 -2.49
C HIS A 321 0.18 -17.32 -3.14
N LEU A 322 -0.37 -17.78 -4.25
CA LEU A 322 -1.56 -17.15 -4.87
C LEU A 322 -2.70 -17.27 -3.86
N ILE A 323 -2.84 -18.45 -3.28
CA ILE A 323 -4.04 -18.75 -2.46
C ILE A 323 -3.91 -18.00 -1.13
N GLY A 324 -2.77 -18.09 -0.47
CA GLY A 324 -2.54 -17.35 0.78
C GLY A 324 -2.55 -15.86 0.57
N GLY A 325 -1.85 -15.42 -0.48
CA GLY A 325 -1.64 -14.00 -0.78
C GLY A 325 -2.95 -13.32 -1.05
N SER A 326 -3.82 -13.98 -1.81
CA SER A 326 -5.13 -13.43 -2.19
C SER A 326 -5.96 -13.13 -0.92
N GLN A 327 -5.94 -14.02 0.07
CA GLN A 327 -6.76 -13.87 1.31
C GLN A 327 -6.25 -12.66 2.09
N GLU A 328 -4.93 -12.52 2.20
CA GLU A 328 -4.30 -11.38 2.87
C GLU A 328 -4.82 -10.09 2.21
N PHE A 329 -4.77 -10.00 0.86
CA PHE A 329 -5.19 -8.79 0.09
C PHE A 329 -6.68 -8.47 0.39
N GLU A 330 -7.53 -9.48 0.39
CA GLU A 330 -8.99 -9.32 0.54
C GLU A 330 -9.36 -8.86 1.96
N TYR A 331 -8.53 -9.10 2.98
CA TYR A 331 -8.67 -8.46 4.32
C TYR A 331 -8.18 -7.00 4.27
N LEU A 332 -7.25 -6.68 3.36
CA LEU A 332 -6.56 -5.34 3.30
C LEU A 332 -7.40 -4.28 2.59
N THR A 333 -8.08 -4.66 1.50
CA THR A 333 -8.56 -3.70 0.46
C THR A 333 -9.78 -2.89 0.92
N PRO A 334 -9.78 -1.55 0.79
CA PRO A 334 -11.01 -0.79 0.91
C PRO A 334 -12.11 -1.12 -0.09
N ARG A 335 -11.79 -1.88 -1.14
CA ARG A 335 -12.80 -2.40 -2.10
C ARG A 335 -13.90 -3.15 -1.31
N TYR A 336 -13.56 -3.80 -0.19
CA TYR A 336 -14.50 -4.66 0.58
C TYR A 336 -14.90 -3.96 1.89
N PHE A 337 -13.97 -3.23 2.51
CA PHE A 337 -14.21 -2.71 3.88
C PHE A 337 -14.69 -1.26 3.83
N GLY A 338 -14.85 -0.70 2.63
CA GLY A 338 -15.42 0.63 2.40
C GLY A 338 -14.34 1.66 2.14
N ASP A 339 -14.65 2.63 1.31
CA ASP A 339 -13.74 3.73 0.96
C ASP A 339 -13.43 4.45 2.26
N GLY A 340 -12.15 4.72 2.51
CA GLY A 340 -11.70 5.37 3.75
C GLY A 340 -11.22 4.37 4.75
N SER A 341 -11.54 3.07 4.59
CA SER A 341 -11.05 2.00 5.52
C SER A 341 -9.52 1.88 5.41
N VAL A 342 -8.91 1.41 6.49
CA VAL A 342 -7.44 1.16 6.61
C VAL A 342 -7.28 -0.12 7.43
N TRP A 343 -6.64 -1.13 6.83
CA TRP A 343 -6.51 -2.45 7.49
C TRP A 343 -5.62 -2.32 8.73
N ASP A 344 -6.05 -2.87 9.85
CA ASP A 344 -5.30 -2.85 11.13
C ASP A 344 -4.69 -4.23 11.43
N GLY A 345 -4.81 -5.19 10.49
CA GLY A 345 -4.21 -6.53 10.61
C GLY A 345 -5.19 -7.58 11.17
N SER A 346 -6.36 -7.15 11.64
CA SER A 346 -7.41 -8.02 12.23
C SER A 346 -8.03 -8.86 11.11
N THR A 347 -8.43 -10.10 11.38
CA THR A 347 -8.83 -11.08 10.34
C THR A 347 -10.11 -11.84 10.72
N SER A 348 -10.68 -11.56 11.89
CA SER A 348 -11.83 -12.33 12.40
C SER A 348 -12.64 -11.44 13.34
N GLY A 349 -13.95 -11.63 13.36
CA GLY A 349 -14.85 -10.92 14.25
C GLY A 349 -16.06 -10.42 13.52
N TRP A 350 -16.75 -9.46 14.12
CA TRP A 350 -18.07 -8.97 13.69
C TRP A 350 -17.87 -7.91 12.62
N ILE A 351 -18.63 -8.03 11.53
CA ILE A 351 -18.57 -7.12 10.35
C ILE A 351 -19.93 -6.47 10.14
N SER A 352 -19.99 -5.14 10.12
CA SER A 352 -21.20 -4.37 9.77
C SER A 352 -21.44 -4.42 8.27
N LEU A 353 -22.67 -4.69 7.88
CA LEU A 353 -23.14 -4.61 6.48
C LEU A 353 -23.59 -3.20 6.14
N THR A 354 -23.89 -2.37 7.13
CA THR A 354 -24.55 -1.05 6.92
C THR A 354 -23.54 0.09 7.04
N ALA A 355 -22.53 -0.07 7.90
CA ALA A 355 -21.53 0.99 8.12
C ALA A 355 -20.91 1.40 6.78
N SER A 356 -20.53 2.66 6.67
CA SER A 356 -19.82 3.25 5.51
C SER A 356 -18.38 2.71 5.44
N VAL A 357 -17.80 2.38 6.59
CA VAL A 357 -16.47 1.72 6.72
C VAL A 357 -16.62 0.58 7.72
N ALA A 358 -16.03 -0.56 7.45
CA ALA A 358 -16.13 -1.75 8.34
C ALA A 358 -14.74 -2.23 8.67
N ARG A 359 -14.65 -2.94 9.78
CA ARG A 359 -13.44 -3.64 10.27
C ARG A 359 -13.95 -4.70 11.21
N PHE A 360 -13.13 -5.72 11.51
CA PHE A 360 -13.52 -6.82 12.43
C PHE A 360 -13.47 -6.28 13.85
N ARG A 361 -14.53 -6.52 14.63
CA ARG A 361 -14.68 -6.13 16.05
C ARG A 361 -14.92 -7.37 16.93
N ASP A 362 -14.59 -7.32 18.23
CA ASP A 362 -14.68 -8.42 19.22
C ASP A 362 -16.13 -8.75 19.58
N ALA A 363 -17.09 -7.83 19.35
CA ALA A 363 -18.50 -7.96 19.80
C ALA A 363 -19.50 -7.42 18.77
N PRO A 364 -20.73 -8.00 18.70
CA PRO A 364 -21.76 -7.47 17.81
C PRO A 364 -22.20 -6.09 18.30
N ALA A 365 -22.75 -5.26 17.41
CA ALA A 365 -23.47 -4.03 17.80
C ALA A 365 -24.56 -4.42 18.80
N PRO A 366 -24.59 -3.85 20.03
CA PRO A 366 -25.68 -4.13 20.98
C PRO A 366 -27.04 -3.67 20.44
N PRO B 23 -1.54 32.94 -3.93
CA PRO B 23 -0.78 32.22 -4.97
C PRO B 23 -1.66 31.24 -5.79
N GLY B 24 -2.10 30.11 -5.20
CA GLY B 24 -3.08 29.17 -5.78
C GLY B 24 -2.47 27.85 -6.27
N GLU B 25 -1.38 27.92 -7.04
CA GLU B 25 -0.69 26.77 -7.69
C GLU B 25 0.79 27.13 -7.92
N PHE B 26 1.72 26.25 -7.53
CA PHE B 26 3.18 26.46 -7.67
C PHE B 26 3.84 25.25 -8.35
N PHE B 27 5.09 25.45 -8.81
CA PHE B 27 5.94 24.40 -9.40
C PHE B 27 6.93 23.95 -8.33
N LEU B 28 6.98 22.65 -8.08
CA LEU B 28 8.09 22.01 -7.33
C LEU B 28 8.98 21.35 -8.37
N PRO B 29 10.23 21.82 -8.55
CA PRO B 29 11.11 21.28 -9.57
C PRO B 29 11.66 19.94 -9.08
N PRO B 30 12.29 19.17 -10.00
CA PRO B 30 13.08 18.00 -9.59
C PRO B 30 14.08 18.42 -8.50
N LEU B 31 14.16 17.60 -7.45
CA LEU B 31 15.16 17.74 -6.35
C LEU B 31 16.30 16.76 -6.61
N PRO B 32 17.49 16.96 -6.01
CA PRO B 32 18.69 16.20 -6.39
C PRO B 32 18.51 14.67 -6.29
N ARG B 33 17.94 14.22 -5.17
CA ARG B 33 17.68 12.79 -4.87
C ARG B 33 18.97 11.98 -5.13
N LEU B 34 20.04 12.36 -4.44
CA LEU B 34 21.39 11.76 -4.65
C LEU B 34 21.52 10.51 -3.80
N LEU B 35 20.79 10.43 -2.70
CA LEU B 35 21.07 9.42 -1.65
C LEU B 35 20.16 8.21 -1.83
N PRO B 36 20.62 7.01 -1.40
CA PRO B 36 19.80 5.81 -1.49
C PRO B 36 18.43 6.03 -0.81
N ALA B 37 17.37 5.62 -1.49
CA ALA B 37 15.98 5.60 -0.98
C ALA B 37 15.40 4.21 -1.21
N GLY B 38 15.39 3.38 -0.17
CA GLY B 38 14.95 1.97 -0.24
C GLY B 38 13.81 1.68 0.70
N TYR B 39 12.94 0.77 0.30
CA TYR B 39 11.80 0.23 1.11
C TYR B 39 12.31 -1.02 1.83
N HIS B 40 12.10 -1.15 3.14
CA HIS B 40 12.28 -2.43 3.85
C HIS B 40 11.58 -3.53 3.05
N PRO B 41 12.16 -4.74 2.96
CA PRO B 41 11.49 -5.83 2.27
C PRO B 41 10.12 -6.17 2.87
N ASP B 42 9.84 -5.76 4.13
CA ASP B 42 8.53 -6.00 4.78
C ASP B 42 7.78 -4.67 5.00
N ALA B 43 8.03 -3.62 4.21
CA ALA B 43 7.45 -2.27 4.47
C ALA B 43 5.91 -2.32 4.50
N ALA B 44 5.27 -2.95 3.52
CA ALA B 44 3.79 -2.92 3.38
C ALA B 44 3.18 -3.63 4.60
N ARG B 45 3.78 -4.76 4.99
CA ARG B 45 3.24 -5.57 6.11
C ARG B 45 3.47 -4.81 7.41
N ILE B 46 4.66 -4.20 7.56
CA ILE B 46 5.05 -3.37 8.74
C ILE B 46 4.06 -2.20 8.89
N GLU B 47 3.69 -1.53 7.78
CA GLU B 47 2.69 -0.42 7.77
C GLU B 47 1.39 -0.90 8.42
N ILE B 48 0.83 -2.02 7.96
CA ILE B 48 -0.42 -2.66 8.48
C ILE B 48 -0.26 -3.00 9.97
N ALA B 49 0.80 -3.70 10.38
CA ALA B 49 1.00 -4.09 11.80
C ALA B 49 1.12 -2.84 12.67
N SER B 50 1.82 -1.81 12.19
CA SER B 50 1.93 -0.48 12.85
C SER B 50 0.53 0.12 13.03
N ASN B 51 -0.29 0.03 12.00
CA ASN B 51 -1.71 0.49 12.02
C ASN B 51 -2.41 -0.25 13.16
N GLY B 52 -2.17 -1.57 13.26
CA GLY B 52 -2.66 -2.44 14.34
C GLY B 52 -2.28 -1.88 15.70
N TRP B 53 -1.01 -1.50 15.85
CA TRP B 53 -0.46 -0.99 17.13
C TRP B 53 -1.13 0.35 17.52
N VAL B 54 -1.28 1.26 16.56
CA VAL B 54 -1.93 2.59 16.73
C VAL B 54 -3.39 2.39 17.21
N ARG B 55 -4.10 1.38 16.70
CA ARG B 55 -5.49 1.13 17.16
C ARG B 55 -5.45 0.67 18.63
N ARG B 56 -4.75 -0.42 18.95
CA ARG B 56 -4.66 -1.00 20.32
C ARG B 56 -4.20 0.07 21.32
N MET B 57 -3.21 0.90 20.96
CA MET B 57 -2.50 1.78 21.95
C MET B 57 -3.05 3.21 21.93
N LEU B 58 -3.49 3.72 20.78
CA LEU B 58 -3.72 5.17 20.62
C LEU B 58 -5.15 5.48 20.16
N ALA B 59 -6.02 4.49 19.95
CA ALA B 59 -7.39 4.69 19.44
C ALA B 59 -8.09 5.81 20.23
N ASP B 60 -8.03 5.75 21.56
CA ASP B 60 -8.80 6.68 22.45
C ASP B 60 -8.18 8.09 22.43
N CYS B 61 -7.08 8.33 21.74
CA CYS B 61 -6.53 9.69 21.52
C CYS B 61 -7.43 10.45 20.53
N PHE B 62 -8.13 9.73 19.64
CA PHE B 62 -8.93 10.37 18.56
C PHE B 62 -10.38 10.48 19.03
N ASP B 63 -11.11 11.50 18.58
CA ASP B 63 -12.52 11.72 19.00
C ASP B 63 -13.44 10.63 18.40
N SER B 64 -13.06 9.99 17.30
CA SER B 64 -13.90 9.00 16.57
C SER B 64 -13.05 8.10 15.66
N GLU B 65 -13.68 7.01 15.22
CA GLU B 65 -13.14 6.10 14.19
C GLU B 65 -12.78 6.91 12.96
N GLU B 66 -13.59 7.93 12.63
CA GLU B 66 -13.39 8.84 11.46
C GLU B 66 -12.03 9.52 11.60
N SER B 67 -11.69 9.96 12.81
CA SER B 67 -10.45 10.71 13.14
C SER B 67 -9.24 9.78 13.08
N LEU B 68 -9.36 8.60 13.69
CA LEU B 68 -8.34 7.53 13.65
C LEU B 68 -8.01 7.17 12.18
N LEU B 69 -9.02 6.88 11.37
CA LEU B 69 -8.81 6.45 9.95
C LEU B 69 -8.19 7.60 9.13
N PHE B 70 -8.58 8.85 9.35
CA PHE B 70 -7.91 10.03 8.76
C PHE B 70 -6.40 9.91 8.98
N PHE B 71 -6.01 9.59 10.22
CA PHE B 71 -4.60 9.44 10.60
C PHE B 71 -3.98 8.21 9.90
N LEU B 72 -4.68 7.08 9.93
CA LEU B 72 -4.17 5.82 9.34
C LEU B 72 -4.05 5.96 7.82
N ARG B 73 -4.87 6.81 7.19
CA ARG B 73 -4.86 6.95 5.72
C ARG B 73 -3.62 7.75 5.30
N GLN B 74 -2.96 8.42 6.24
CA GLN B 74 -1.67 9.11 5.94
C GLN B 74 -0.55 8.10 5.69
N ARG B 75 -0.77 6.82 5.96
CA ARG B 75 0.22 5.73 5.69
C ARG B 75 1.52 6.06 6.45
N ASN B 76 1.42 6.63 7.64
CA ASN B 76 2.61 7.03 8.44
C ASN B 76 3.37 5.77 8.86
N GLY B 77 2.70 4.63 8.90
CA GLY B 77 3.30 3.34 9.25
C GLY B 77 4.44 2.94 8.31
N ILE B 78 4.46 3.45 7.07
CA ILE B 78 5.47 3.01 6.08
C ILE B 78 6.68 3.95 6.12
N TYR B 79 6.60 5.07 6.84
CA TYR B 79 7.75 6.01 7.03
C TYR B 79 8.92 5.25 7.66
N GLY B 80 8.71 4.61 8.82
CA GLY B 80 9.76 3.83 9.49
C GLY B 80 10.53 2.94 8.52
N PRO B 81 9.86 1.99 7.86
CA PRO B 81 10.53 1.05 6.96
C PRO B 81 11.18 1.68 5.73
N LEU B 82 10.77 2.90 5.37
CA LEU B 82 11.42 3.67 4.28
C LEU B 82 12.70 4.33 4.82
N THR B 83 12.83 4.53 6.14
CA THR B 83 14.06 5.12 6.74
C THR B 83 15.15 4.05 7.01
N VAL B 84 14.77 2.80 7.23
CA VAL B 84 15.71 1.73 7.68
C VAL B 84 15.43 0.47 6.87
N PRO B 85 15.59 0.53 5.52
CA PRO B 85 15.25 -0.61 4.68
C PRO B 85 16.16 -1.82 4.93
N TYR B 86 17.24 -1.60 5.68
CA TYR B 86 18.38 -2.52 5.92
C TYR B 86 18.16 -3.28 7.21
N ALA B 87 17.32 -2.75 8.11
CA ALA B 87 17.16 -3.20 9.51
C ALA B 87 16.45 -4.56 9.61
N GLU B 88 16.70 -5.26 10.72
CA GLU B 88 15.94 -6.48 11.13
C GLU B 88 14.46 -6.10 11.26
N ALA B 89 13.57 -7.00 10.88
CA ALA B 89 12.12 -6.74 10.78
C ALA B 89 11.60 -6.23 12.14
N ASP B 90 12.00 -6.86 13.25
CA ASP B 90 11.61 -6.50 14.64
C ASP B 90 11.92 -5.03 14.86
N ARG B 91 13.16 -4.62 14.59
CA ARG B 91 13.62 -3.23 14.85
C ARG B 91 12.90 -2.27 13.90
N ALA B 92 12.69 -2.65 12.63
CA ALA B 92 11.94 -1.83 11.65
C ALA B 92 10.52 -1.58 12.21
N GLN B 93 9.89 -2.61 12.78
CA GLN B 93 8.50 -2.53 13.29
C GLN B 93 8.48 -1.59 14.49
N ASN B 94 9.49 -1.73 15.36
CA ASN B 94 9.64 -0.87 16.57
C ASN B 94 9.74 0.59 16.12
N ILE B 95 10.56 0.83 15.11
CA ILE B 95 10.82 2.21 14.60
C ILE B 95 9.54 2.75 13.94
N ALA B 96 8.83 1.92 13.17
CA ALA B 96 7.61 2.32 12.42
C ALA B 96 6.58 2.81 13.44
N ASP B 97 6.39 2.06 14.53
CA ASP B 97 5.45 2.40 15.62
C ASP B 97 5.90 3.66 16.34
N TRP B 98 7.21 3.85 16.55
CA TRP B 98 7.71 5.08 17.21
C TRP B 98 7.27 6.29 16.39
N TYR B 99 7.47 6.28 15.07
CA TYR B 99 7.16 7.43 14.18
C TYR B 99 5.65 7.66 14.14
N GLN B 100 4.82 6.61 14.10
CA GLN B 100 3.35 6.81 14.16
C GLN B 100 3.06 7.52 15.49
N PHE B 101 3.64 7.00 16.57
CA PHE B 101 3.42 7.55 17.93
C PHE B 101 3.77 9.05 17.91
N VAL B 102 4.99 9.42 17.55
CA VAL B 102 5.41 10.86 17.62
C VAL B 102 4.60 11.68 16.58
N THR B 103 4.14 11.09 15.48
CA THR B 103 3.35 11.81 14.43
C THR B 103 1.95 12.13 14.99
N VAL B 104 1.37 11.23 15.77
CA VAL B 104 0.07 11.46 16.46
C VAL B 104 0.24 12.73 17.33
N ILE B 105 1.19 12.71 18.27
CA ILE B 105 1.54 13.88 19.12
C ILE B 105 1.74 15.10 18.22
N ASP B 106 2.51 14.98 17.15
CA ASP B 106 2.87 16.11 16.24
C ASP B 106 1.64 16.76 15.60
N SER B 107 0.61 15.94 15.34
CA SER B 107 -0.67 16.30 14.68
C SER B 107 -1.56 17.07 15.67
N PHE B 108 -1.59 16.62 16.93
CA PHE B 108 -2.35 17.29 18.02
C PHE B 108 -1.66 18.63 18.37
N VAL B 109 -0.34 18.72 18.24
CA VAL B 109 0.42 20.00 18.43
C VAL B 109 -0.15 21.08 17.48
N SER B 110 -0.55 20.68 16.27
CA SER B 110 -0.95 21.54 15.13
C SER B 110 -2.47 21.75 15.10
N ASP B 111 -3.21 21.01 15.92
CA ASP B 111 -4.70 20.90 15.88
C ASP B 111 -5.31 22.29 16.12
N ALA B 143 0.47 4.17 33.50
CA ALA B 143 0.78 5.59 33.17
C ALA B 143 -0.46 6.30 32.61
N SER B 144 -0.27 7.40 31.88
CA SER B 144 -1.29 8.38 31.43
C SER B 144 -1.90 7.97 30.07
N LEU B 145 -2.23 8.96 29.22
CA LEU B 145 -3.03 8.82 27.96
C LEU B 145 -2.16 8.20 26.86
N TYR B 146 -0.94 8.71 26.69
CA TYR B 146 0.09 8.30 25.72
C TYR B 146 1.16 7.45 26.43
N GLY B 147 1.15 7.46 27.76
CA GLY B 147 2.16 6.82 28.64
C GLY B 147 2.27 5.33 28.37
N ARG B 148 1.12 4.64 28.27
CA ARG B 148 1.03 3.15 28.05
C ARG B 148 1.67 2.80 26.70
N ALA B 149 1.49 3.65 25.68
CA ALA B 149 2.08 3.53 24.33
C ALA B 149 3.61 3.73 24.38
N ALA B 150 4.07 4.82 25.00
CA ALA B 150 5.51 5.15 25.18
C ALA B 150 6.23 4.01 25.93
N GLN B 151 5.52 3.34 26.83
CA GLN B 151 6.03 2.23 27.67
C GLN B 151 6.20 0.98 26.82
N ASP B 152 5.24 0.69 25.94
CA ASP B 152 5.33 -0.48 25.02
C ASP B 152 6.57 -0.29 24.13
N LEU B 153 6.73 0.90 23.57
CA LEU B 153 7.88 1.22 22.69
C LEU B 153 9.21 1.10 23.46
N TRP B 154 9.25 1.70 24.65
CA TRP B 154 10.42 1.71 25.54
C TRP B 154 10.82 0.26 25.88
N ARG B 155 9.87 -0.57 26.29
CA ARG B 155 10.09 -2.00 26.62
C ARG B 155 10.63 -2.73 25.38
N ARG B 156 10.16 -2.38 24.18
CA ARG B 156 10.50 -3.12 22.93
C ARG B 156 11.87 -2.69 22.42
N ILE B 157 12.13 -1.38 22.46
CA ILE B 157 13.35 -0.73 21.87
C ILE B 157 14.52 -0.81 22.86
N ALA B 158 14.29 -0.56 24.15
CA ALA B 158 15.34 -0.58 25.21
C ALA B 158 16.12 -1.91 25.14
N ALA B 159 15.46 -3.04 24.88
CA ALA B 159 16.00 -4.42 24.85
C ALA B 159 17.14 -4.58 23.83
N GLY B 160 17.15 -3.73 22.80
CA GLY B 160 18.19 -3.73 21.75
C GLY B 160 18.97 -2.43 21.74
N MET B 161 19.02 -1.75 22.88
CA MET B 161 19.77 -0.48 23.12
C MET B 161 20.73 -0.68 24.29
N SER B 162 21.90 -0.04 24.27
CA SER B 162 22.75 0.19 25.48
C SER B 162 21.98 1.05 26.49
N ALA B 163 22.44 0.98 27.74
CA ALA B 163 22.03 1.85 28.87
C ALA B 163 22.13 3.31 28.44
N ARG B 164 23.26 3.75 27.85
CA ARG B 164 23.42 5.19 27.50
C ARG B 164 22.39 5.58 26.42
N GLN B 165 22.03 4.66 25.51
CA GLN B 165 21.09 4.97 24.41
C GLN B 165 19.67 5.14 24.98
N VAL B 166 19.28 4.34 25.98
CA VAL B 166 17.95 4.46 26.63
C VAL B 166 17.84 5.86 27.26
N ASP B 167 18.92 6.35 27.89
CA ASP B 167 18.98 7.72 28.47
C ASP B 167 18.82 8.74 27.35
N ARG B 168 19.46 8.50 26.20
CA ARG B 168 19.43 9.43 25.04
C ARG B 168 18.02 9.44 24.42
N LEU B 169 17.30 8.32 24.43
CA LEU B 169 15.94 8.25 23.85
C LEU B 169 14.98 9.13 24.67
N VAL B 170 14.99 9.01 25.99
CA VAL B 170 14.15 9.87 26.88
C VAL B 170 14.52 11.33 26.62
N ALA B 171 15.81 11.67 26.61
CA ALA B 171 16.30 13.04 26.34
C ALA B 171 15.82 13.47 24.96
N ALA B 172 15.89 12.59 23.96
CA ALA B 172 15.49 12.92 22.56
C ALA B 172 14.00 13.27 22.52
N LEU B 173 13.18 12.52 23.26
CA LEU B 173 11.71 12.76 23.32
C LEU B 173 11.47 14.11 24.01
N GLU B 174 12.12 14.37 25.16
CA GLU B 174 12.07 15.68 25.87
C GLU B 174 12.36 16.82 24.87
N ALA B 175 13.44 16.68 24.10
CA ALA B 175 13.88 17.68 23.11
C ALA B 175 12.74 17.95 22.10
N PHE B 176 12.09 16.90 21.61
CA PHE B 176 10.95 16.96 20.66
C PHE B 176 9.79 17.76 21.28
N LEU B 177 9.39 17.38 22.50
CA LEU B 177 8.29 18.03 23.25
C LEU B 177 8.62 19.50 23.53
N ARG B 178 9.84 19.80 24.00
CA ARG B 178 10.30 21.21 24.21
C ARG B 178 10.22 22.00 22.90
N GLY B 179 10.71 21.44 21.79
CA GLY B 179 10.50 21.99 20.43
C GLY B 179 9.03 22.27 20.15
N CYS B 180 8.15 21.29 20.40
CA CYS B 180 6.67 21.36 20.16
C CYS B 180 6.07 22.53 20.96
N ALA B 181 6.27 22.54 22.29
CA ALA B 181 5.87 23.61 23.24
C ALA B 181 6.23 25.00 22.68
N GLU B 182 7.45 25.16 22.17
CA GLU B 182 7.93 26.46 21.63
C GLU B 182 7.17 26.80 20.33
N GLU B 183 6.69 25.79 19.59
CA GLU B 183 5.88 25.97 18.35
C GLU B 183 4.46 26.44 18.74
N ILE B 184 3.90 25.85 19.79
CA ILE B 184 2.57 26.21 20.35
C ILE B 184 2.58 27.72 20.72
N ARG B 185 3.56 28.18 21.52
CA ARG B 185 3.68 29.62 21.92
C ARG B 185 3.83 30.51 20.68
N SER B 186 4.73 30.16 19.76
CA SER B 186 4.95 30.87 18.47
C SER B 186 3.63 30.95 17.67
N LYS B 187 2.75 29.93 17.74
CA LYS B 187 1.50 29.89 16.93
C LYS B 187 0.38 30.69 17.62
N LEU B 188 0.19 30.51 18.94
CA LEU B 188 -0.81 31.28 19.72
C LEU B 188 -0.59 32.79 19.54
N ASP B 189 0.67 33.24 19.54
CA ASP B 189 1.08 34.66 19.51
C ASP B 189 1.02 35.19 18.07
N LYS B 190 0.85 34.30 17.08
CA LYS B 190 0.88 34.62 15.63
C LYS B 190 2.14 35.46 15.32
N GLN B 191 3.32 34.97 15.71
CA GLN B 191 4.64 35.56 15.36
C GLN B 191 5.49 34.50 14.64
N VAL B 192 5.71 34.70 13.34
CA VAL B 192 6.62 33.88 12.50
C VAL B 192 8.05 34.30 12.80
N PRO B 193 8.96 33.34 13.12
CA PRO B 193 10.36 33.67 13.37
C PRO B 193 11.15 33.95 12.08
N HIS B 194 12.35 34.52 12.22
CA HIS B 194 13.33 34.66 11.11
C HIS B 194 13.94 33.28 10.82
N PHE B 195 14.54 33.12 9.66
CA PHE B 195 14.97 31.81 9.10
C PHE B 195 15.74 31.02 10.17
N GLU B 196 16.83 31.58 10.71
CA GLU B 196 17.77 30.82 11.56
C GLU B 196 17.07 30.41 12.85
N ALA B 197 16.24 31.29 13.38
CA ALA B 197 15.51 31.05 14.64
C ALA B 197 14.58 29.85 14.43
N CYS B 198 13.90 29.83 13.28
CA CYS B 198 13.00 28.72 12.86
C CYS B 198 13.81 27.41 12.93
N MET B 199 14.94 27.37 12.22
CA MET B 199 15.85 26.20 12.13
C MET B 199 16.31 25.79 13.53
N ARG B 200 16.57 26.75 14.43
CA ARG B 200 17.03 26.47 15.82
C ARG B 200 15.94 25.69 16.54
N VAL B 201 14.68 26.12 16.41
CA VAL B 201 13.53 25.45 17.08
C VAL B 201 13.37 24.05 16.47
N ARG B 202 13.55 23.93 15.16
CA ARG B 202 13.27 22.72 14.36
C ARG B 202 14.28 21.61 14.65
N VAL B 203 15.45 21.91 15.22
CA VAL B 203 16.43 20.85 15.64
C VAL B 203 15.79 20.00 16.74
N ASP B 204 15.04 20.63 17.64
CA ASP B 204 14.28 19.93 18.70
C ASP B 204 12.96 19.38 18.11
N SER B 205 12.17 20.21 17.41
CA SER B 205 10.76 19.90 17.04
C SER B 205 10.69 18.79 15.97
N PHE B 206 11.63 18.78 15.02
CA PHE B 206 11.76 17.76 13.95
C PHE B 206 12.24 16.41 14.54
N GLY B 207 12.72 16.44 15.79
CA GLY B 207 13.18 15.25 16.54
C GLY B 207 14.51 14.71 16.02
N CYS B 208 15.44 15.58 15.64
CA CYS B 208 16.78 15.20 15.13
C CYS B 208 17.45 14.17 16.05
N GLU B 209 17.37 14.38 17.37
CA GLU B 209 18.08 13.50 18.35
C GLU B 209 17.52 12.06 18.26
N PHE B 210 16.19 11.86 18.12
CA PHE B 210 15.64 10.48 18.00
C PHE B 210 15.85 9.97 16.57
N LEU B 211 15.84 10.83 15.55
CA LEU B 211 16.18 10.40 14.18
C LEU B 211 17.59 9.78 14.20
N GLU B 212 18.54 10.46 14.84
CA GLU B 212 19.97 10.06 14.89
C GLU B 212 20.06 8.76 15.70
N LEU B 213 19.43 8.72 16.87
CA LEU B 213 19.51 7.57 17.79
C LEU B 213 18.85 6.37 17.13
N LEU B 214 17.65 6.52 16.55
CA LEU B 214 16.97 5.36 15.91
C LEU B 214 17.79 4.85 14.71
N THR B 215 18.57 5.71 14.05
CA THR B 215 19.51 5.29 12.97
C THR B 215 20.50 4.27 13.58
N GLU B 216 21.15 4.63 14.69
CA GLU B 216 22.05 3.75 15.49
C GLU B 216 21.35 2.43 15.78
N TYR B 217 20.16 2.51 16.38
CA TYR B 217 19.36 1.34 16.81
C TYR B 217 19.13 0.39 15.62
N ALA B 218 18.82 0.95 14.45
CA ALA B 218 18.56 0.18 13.21
C ALA B 218 19.85 -0.48 12.71
N ALA B 219 20.97 0.25 12.77
CA ALA B 219 22.30 -0.18 12.27
C ALA B 219 23.01 -1.08 13.30
N GLU B 220 22.46 -1.22 14.52
CA GLU B 220 22.97 -2.08 15.62
C GLU B 220 24.36 -1.57 16.02
N VAL B 221 24.45 -0.27 16.24
CA VAL B 221 25.69 0.40 16.70
C VAL B 221 25.29 1.34 17.84
N ASP B 222 26.27 1.77 18.61
CA ASP B 222 26.11 2.82 19.64
C ASP B 222 27.17 3.88 19.33
N MET B 223 26.73 5.04 18.82
CA MET B 223 27.62 6.17 18.46
C MET B 223 27.65 7.19 19.60
N SER B 224 27.27 6.80 20.83
CA SER B 224 27.24 7.72 21.99
C SER B 224 28.60 8.42 22.17
N ARG B 225 29.69 7.65 22.17
CA ARG B 225 31.04 8.19 22.47
C ARG B 225 31.43 9.17 21.35
N ALA B 226 31.32 8.75 20.10
CA ALA B 226 31.57 9.56 18.87
C ALA B 226 30.78 10.87 18.89
N ALA B 227 29.58 10.88 19.49
CA ALA B 227 28.66 12.03 19.50
C ALA B 227 29.24 13.10 20.44
N THR B 228 29.40 12.75 21.72
CA THR B 228 30.01 13.60 22.77
C THR B 228 31.33 14.19 22.25
N GLU B 229 32.14 13.39 21.54
CA GLU B 229 33.41 13.83 20.90
C GLU B 229 33.14 14.82 19.75
N GLY B 230 32.04 14.66 19.01
CA GLY B 230 31.59 15.60 17.94
C GLY B 230 31.93 15.12 16.54
N LEU B 231 32.13 13.83 16.34
CA LEU B 231 32.57 13.28 15.02
C LEU B 231 31.56 13.60 13.93
N PHE B 232 30.26 13.71 14.26
CA PHE B 232 29.15 13.86 13.28
C PHE B 232 28.53 15.26 13.33
N ASP B 233 29.20 16.23 13.96
CA ASP B 233 28.65 17.62 14.09
C ASP B 233 28.32 18.17 12.70
N GLU B 234 29.26 18.20 11.76
CA GLU B 234 29.01 18.71 10.39
C GLU B 234 27.93 17.84 9.74
N VAL B 235 28.11 16.52 9.79
CA VAL B 235 27.23 15.53 9.10
C VAL B 235 25.78 15.81 9.54
N HIS B 236 25.54 15.95 10.84
CA HIS B 236 24.18 16.13 11.41
C HIS B 236 23.63 17.48 10.98
N HIS B 237 24.46 18.53 10.99
CA HIS B 237 24.06 19.91 10.63
C HIS B 237 23.40 19.86 9.26
N HIS B 238 24.11 19.36 8.25
CA HIS B 238 23.64 19.37 6.83
C HIS B 238 22.55 18.31 6.59
N GLY B 239 22.68 17.15 7.25
CA GLY B 239 21.73 16.02 7.12
C GLY B 239 20.35 16.40 7.66
N MET B 240 20.29 16.97 8.86
CA MET B 240 19.01 17.30 9.53
C MET B 240 18.38 18.49 8.79
N ARG B 241 19.20 19.42 8.31
CA ARG B 241 18.71 20.64 7.65
C ARG B 241 18.13 20.26 6.29
N GLN B 242 18.77 19.34 5.59
CA GLN B 242 18.19 18.76 4.34
C GLN B 242 16.82 18.14 4.68
N LEU B 243 16.75 17.30 5.71
CA LEU B 243 15.51 16.56 6.10
C LEU B 243 14.39 17.59 6.34
N ILE B 244 14.67 18.60 7.15
CA ILE B 244 13.71 19.66 7.60
C ILE B 244 13.15 20.44 6.41
N LEU B 245 13.97 20.79 5.41
CA LEU B 245 13.58 21.71 4.31
C LEU B 245 12.79 20.96 3.23
N VAL B 246 13.21 19.72 2.89
CA VAL B 246 12.33 18.80 2.11
C VAL B 246 10.98 18.78 2.82
N ASN B 247 10.96 18.58 4.13
CA ASN B 247 9.68 18.45 4.86
C ASN B 247 8.91 19.77 4.72
N ASP B 248 9.58 20.89 4.91
CA ASP B 248 8.94 22.22 4.83
C ASP B 248 8.30 22.37 3.46
N LEU B 249 9.01 21.98 2.40
CA LEU B 249 8.50 22.11 1.02
C LEU B 249 7.26 21.23 0.84
N LEU B 250 7.29 19.97 1.31
CA LEU B 250 6.22 19.00 1.00
C LEU B 250 5.07 19.13 2.00
N SER B 251 5.31 19.69 3.20
CA SER B 251 4.23 19.81 4.21
C SER B 251 3.59 21.21 4.17
N TRP B 252 3.93 22.05 3.19
CA TRP B 252 3.45 23.45 3.09
C TRP B 252 1.94 23.48 2.83
N ARG B 253 1.40 22.66 1.93
CA ARG B 253 -0.08 22.59 1.74
C ARG B 253 -0.75 22.40 3.10
N LYS B 254 -0.24 21.48 3.92
CA LYS B 254 -0.88 21.11 5.21
C LYS B 254 -0.68 22.26 6.21
N GLU B 255 0.54 22.80 6.30
CA GLU B 255 0.86 23.76 7.37
C GLU B 255 0.20 25.11 7.04
N TYR B 256 0.14 25.45 5.73
CA TYR B 256 -0.62 26.61 5.21
C TYR B 256 -2.09 26.51 5.66
N ALA B 257 -2.72 25.36 5.43
CA ALA B 257 -4.14 25.09 5.77
C ALA B 257 -4.32 25.18 7.29
N GLN B 258 -3.37 24.67 8.08
CA GLN B 258 -3.49 24.55 9.56
C GLN B 258 -2.86 25.77 10.27
N ARG B 259 -2.39 26.77 9.53
CA ARG B 259 -1.83 28.04 10.08
C ARG B 259 -0.63 27.72 10.99
N ASP B 260 0.14 26.68 10.69
CA ASP B 260 1.38 26.38 11.46
C ASP B 260 2.41 27.46 11.10
N THR B 261 3.22 27.84 12.09
CA THR B 261 4.12 29.02 11.99
C THR B 261 5.56 28.57 11.73
N MET B 262 5.97 27.41 12.26
CA MET B 262 7.39 26.97 12.30
C MET B 262 7.80 26.22 11.02
N THR B 263 7.83 26.94 9.89
CA THR B 263 8.18 26.41 8.55
C THR B 263 8.86 27.52 7.77
N THR B 264 9.92 27.17 7.04
CA THR B 264 10.78 28.12 6.30
C THR B 264 10.03 28.65 5.08
N VAL B 265 8.94 27.99 4.66
CA VAL B 265 8.13 28.54 3.54
C VAL B 265 7.40 29.78 4.08
N ARG B 266 6.89 29.74 5.30
CA ARG B 266 6.13 30.88 5.89
C ARG B 266 7.14 32.00 6.14
N VAL B 267 8.30 31.67 6.70
CA VAL B 267 9.37 32.68 6.97
C VAL B 267 9.71 33.37 5.64
N LEU B 268 9.99 32.62 4.57
CA LEU B 268 10.40 33.23 3.28
C LEU B 268 9.26 34.10 2.73
N CYS B 269 8.02 33.60 2.79
CA CYS B 269 6.82 34.27 2.26
C CYS B 269 6.48 35.51 3.10
N GLU B 270 6.30 35.35 4.42
CA GLU B 270 5.66 36.38 5.29
C GLU B 270 6.73 37.31 5.90
N VAL B 271 7.91 36.83 6.27
CA VAL B 271 8.93 37.66 6.95
C VAL B 271 9.93 38.22 5.93
N GLU B 272 10.31 37.45 4.90
CA GLU B 272 11.21 37.96 3.82
C GLU B 272 10.37 38.47 2.64
N GLY B 273 9.05 38.30 2.70
CA GLY B 273 8.09 38.87 1.73
C GLY B 273 8.21 38.30 0.33
N LEU B 274 8.78 37.10 0.15
CA LEU B 274 8.94 36.49 -1.20
C LEU B 274 7.59 35.93 -1.70
N GLU B 275 7.38 36.02 -3.02
CA GLU B 275 6.37 35.18 -3.73
C GLU B 275 6.65 33.69 -3.46
N LEU B 276 5.61 32.87 -3.47
CA LEU B 276 5.69 31.40 -3.20
C LEU B 276 6.68 30.75 -4.16
N GLN B 277 6.50 30.98 -5.46
CA GLN B 277 7.39 30.33 -6.45
C GLN B 277 8.84 30.67 -6.10
N ASP B 278 9.15 31.92 -5.77
CA ASP B 278 10.55 32.36 -5.48
C ASP B 278 11.03 31.74 -4.17
N ALA B 279 10.16 31.59 -3.17
CA ALA B 279 10.51 30.89 -1.91
C ALA B 279 10.78 29.41 -2.24
N VAL B 280 9.86 28.77 -2.96
CA VAL B 280 10.00 27.35 -3.37
C VAL B 280 11.34 27.19 -4.10
N ASP B 281 11.66 28.04 -5.08
CA ASP B 281 12.94 27.95 -5.83
C ASP B 281 14.14 28.12 -4.87
N ARG B 282 14.02 28.99 -3.88
CA ARG B 282 15.09 29.31 -2.90
C ARG B 282 15.36 28.05 -2.07
N LEU B 283 14.34 27.50 -1.42
CA LEU B 283 14.47 26.31 -0.54
C LEU B 283 14.89 25.08 -1.35
N CYS B 284 14.41 24.92 -2.58
CA CYS B 284 14.85 23.83 -3.49
C CYS B 284 16.37 23.89 -3.69
N ALA B 285 16.91 25.07 -4.02
CA ALA B 285 18.37 25.33 -4.15
C ALA B 285 19.08 25.06 -2.82
N LEU B 286 18.44 25.42 -1.70
CA LEU B 286 18.96 25.28 -0.32
C LEU B 286 19.03 23.79 0.07
N VAL B 287 18.09 22.98 -0.44
CA VAL B 287 18.04 21.51 -0.22
C VAL B 287 19.29 20.91 -0.90
N GLU B 288 19.53 21.29 -2.15
CA GLU B 288 20.72 20.83 -2.95
C GLU B 288 22.00 21.18 -2.19
N HIS B 289 22.10 22.39 -1.66
CA HIS B 289 23.29 22.82 -0.89
C HIS B 289 23.55 21.81 0.22
N HIS B 290 22.62 21.72 1.17
CA HIS B 290 22.77 20.93 2.42
C HIS B 290 22.93 19.45 2.11
N GLU B 291 22.26 18.94 1.08
CA GLU B 291 22.42 17.54 0.60
C GLU B 291 23.86 17.32 0.11
N ARG B 292 24.37 18.20 -0.77
CA ARG B 292 25.75 18.10 -1.33
C ARG B 292 26.78 18.27 -0.21
N ALA B 293 26.53 19.15 0.76
CA ALA B 293 27.46 19.36 1.89
C ALA B 293 27.35 18.17 2.87
N TYR B 294 26.15 17.60 3.06
CA TYR B 294 25.99 16.35 3.85
C TYR B 294 26.93 15.31 3.25
N ILE B 295 26.87 15.15 1.92
CA ILE B 295 27.71 14.15 1.22
C ILE B 295 29.20 14.46 1.48
N THR B 296 29.59 15.74 1.39
CA THR B 296 30.98 16.22 1.57
C THR B 296 31.42 15.90 3.00
N ALA B 297 30.62 16.30 3.98
CA ALA B 297 30.94 16.13 5.41
C ALA B 297 31.02 14.64 5.75
N ARG B 298 30.13 13.83 5.17
CA ARG B 298 30.11 12.37 5.36
C ARG B 298 31.42 11.79 4.81
N ASP B 299 31.65 12.00 3.50
CA ASP B 299 32.87 11.58 2.77
C ASP B 299 34.14 11.97 3.54
N ALA B 300 34.09 13.06 4.33
CA ALA B 300 35.21 13.56 5.18
C ALA B 300 35.37 12.67 6.41
N VAL B 301 34.28 12.31 7.08
CA VAL B 301 34.35 11.40 8.28
C VAL B 301 34.93 10.06 7.79
N LEU B 302 34.43 9.55 6.66
CA LEU B 302 34.82 8.25 6.04
C LEU B 302 36.31 8.25 5.64
N ALA B 303 36.75 9.28 4.93
CA ALA B 303 38.16 9.44 4.47
C ALA B 303 39.07 9.72 5.68
N GLY B 304 38.52 10.25 6.77
CA GLY B 304 39.27 10.70 7.95
C GLY B 304 39.62 9.57 8.92
N PRO B 305 40.15 9.89 10.11
CA PRO B 305 40.77 8.91 11.00
C PRO B 305 39.89 7.73 11.39
N HIS B 306 38.61 7.99 11.75
CA HIS B 306 37.67 6.99 12.32
C HIS B 306 36.82 6.35 11.23
N GLY B 307 37.12 6.63 9.95
CA GLY B 307 36.25 6.33 8.80
C GLY B 307 36.42 4.92 8.27
N HIS B 308 37.33 4.13 8.84
CA HIS B 308 37.59 2.71 8.43
C HIS B 308 36.71 1.80 9.28
N ARG B 309 36.29 2.27 10.45
CA ARG B 309 35.42 1.52 11.40
C ARG B 309 34.09 1.15 10.73
N GLU B 310 33.68 -0.10 10.89
CA GLU B 310 32.41 -0.63 10.33
C GLU B 310 31.21 -0.02 11.05
N ASP B 311 31.35 0.32 12.33
CA ASP B 311 30.26 0.91 13.14
C ASP B 311 29.96 2.31 12.58
N VAL B 312 30.99 3.09 12.26
CA VAL B 312 30.86 4.45 11.65
C VAL B 312 30.27 4.31 10.24
N ARG B 313 30.82 3.43 9.43
CA ARG B 313 30.33 3.20 8.06
C ARG B 313 28.84 2.82 8.10
N ALA B 314 28.44 2.01 9.09
CA ALA B 314 27.06 1.47 9.20
C ALA B 314 26.11 2.63 9.54
N TYR B 315 26.50 3.44 10.52
CA TYR B 315 25.72 4.59 11.01
C TYR B 315 25.51 5.59 9.88
N LEU B 316 26.57 5.94 9.14
CA LEU B 316 26.51 6.92 8.04
C LEU B 316 25.71 6.38 6.85
N SER B 317 25.79 5.07 6.56
CA SER B 317 24.92 4.44 5.54
C SER B 317 23.46 4.53 6.01
N GLY B 318 23.22 4.40 7.33
CA GLY B 318 21.93 4.65 8.00
C GLY B 318 21.35 6.02 7.66
N LEU B 319 22.06 7.11 7.97
CA LEU B 319 21.68 8.52 7.66
C LEU B 319 21.37 8.69 6.16
N ASP B 320 22.21 8.11 5.30
CA ASP B 320 22.02 8.12 3.84
C ASP B 320 20.60 7.66 3.49
N HIS B 321 20.22 6.49 3.96
CA HIS B 321 18.90 5.86 3.72
C HIS B 321 17.80 6.64 4.45
N LEU B 322 18.10 7.20 5.63
CA LEU B 322 17.18 8.05 6.42
C LEU B 322 16.81 9.29 5.59
N ILE B 323 17.79 9.89 4.91
CA ILE B 323 17.60 11.17 4.18
C ILE B 323 16.85 10.92 2.86
N GLY B 324 17.28 9.92 2.09
CA GLY B 324 16.64 9.58 0.79
C GLY B 324 15.28 8.93 0.99
N GLY B 325 15.19 8.01 1.96
CA GLY B 325 13.95 7.30 2.33
C GLY B 325 12.87 8.25 2.83
N SER B 326 13.25 9.24 3.60
CA SER B 326 12.31 10.24 4.16
C SER B 326 11.64 10.98 3.00
N GLN B 327 12.39 11.40 2.00
CA GLN B 327 11.85 12.17 0.86
C GLN B 327 10.86 11.26 0.10
N GLU B 328 11.21 10.00 -0.11
CA GLU B 328 10.31 9.07 -0.84
C GLU B 328 8.96 9.06 -0.11
N PHE B 329 8.98 8.93 1.23
CA PHE B 329 7.74 8.90 2.05
C PHE B 329 6.94 10.19 1.87
N GLU B 330 7.64 11.31 1.79
CA GLU B 330 7.02 12.65 1.85
C GLU B 330 6.32 12.94 0.54
N TYR B 331 6.70 12.27 -0.54
CA TYR B 331 5.94 12.29 -1.82
C TYR B 331 4.72 11.36 -1.72
N LEU B 332 4.78 10.34 -0.85
CA LEU B 332 3.79 9.23 -0.85
C LEU B 332 2.56 9.64 -0.03
N THR B 333 2.73 10.44 1.02
CA THR B 333 1.74 10.47 2.13
C THR B 333 0.58 11.40 1.80
N PRO B 334 -0.66 10.90 1.99
CA PRO B 334 -1.85 11.76 2.04
C PRO B 334 -1.80 12.88 3.07
N ARG B 335 -0.92 12.76 4.08
CA ARG B 335 -0.66 13.80 5.10
C ARG B 335 -0.35 15.15 4.42
N TYR B 336 0.36 15.11 3.30
CA TYR B 336 0.84 16.31 2.57
C TYR B 336 -0.01 16.53 1.32
N PHE B 337 -0.53 15.48 0.64
CA PHE B 337 -1.17 15.65 -0.69
C PHE B 337 -2.70 15.63 -0.53
N GLY B 338 -3.18 15.52 0.71
CA GLY B 338 -4.60 15.56 1.09
C GLY B 338 -5.22 14.19 1.31
N ASP B 339 -6.10 14.10 2.28
CA ASP B 339 -6.94 12.90 2.52
C ASP B 339 -7.70 12.61 1.22
N GLY B 340 -7.57 11.37 0.73
CA GLY B 340 -8.21 10.92 -0.52
C GLY B 340 -7.19 10.77 -1.59
N SER B 341 -6.03 11.43 -1.44
CA SER B 341 -4.92 11.36 -2.41
C SER B 341 -4.33 9.95 -2.36
N VAL B 342 -3.87 9.48 -3.53
CA VAL B 342 -3.13 8.21 -3.73
C VAL B 342 -1.94 8.48 -4.66
N TRP B 343 -0.73 8.22 -4.18
CA TRP B 343 0.50 8.54 -4.93
C TRP B 343 0.59 7.68 -6.20
N ASP B 344 0.90 8.35 -7.32
CA ASP B 344 1.05 7.73 -8.66
C ASP B 344 2.54 7.64 -9.04
N GLY B 345 3.44 8.09 -8.16
CA GLY B 345 4.90 8.03 -8.35
C GLY B 345 5.53 9.32 -8.88
N SER B 346 4.72 10.27 -9.38
CA SER B 346 5.20 11.60 -9.87
C SER B 346 5.93 12.32 -8.73
N THR B 347 6.97 13.10 -9.03
CA THR B 347 7.88 13.70 -8.00
C THR B 347 8.10 15.21 -8.22
N SER B 348 7.73 15.75 -9.38
CA SER B 348 7.88 17.20 -9.67
C SER B 348 6.78 17.63 -10.65
N GLY B 349 6.53 18.94 -10.66
CA GLY B 349 5.56 19.60 -11.55
C GLY B 349 4.72 20.60 -10.80
N TRP B 350 3.55 20.89 -11.36
CA TRP B 350 2.58 21.86 -10.83
C TRP B 350 1.71 21.14 -9.79
N ILE B 351 1.46 21.83 -8.66
CA ILE B 351 0.64 21.36 -7.51
C ILE B 351 -0.15 22.55 -6.94
N SER B 352 -1.37 22.29 -6.45
CA SER B 352 -2.29 23.28 -5.85
C SER B 352 -1.99 23.47 -4.37
N LEU B 353 -1.90 24.73 -3.93
CA LEU B 353 -1.63 25.09 -2.51
C LEU B 353 -2.86 24.73 -1.68
N THR B 354 -4.04 24.96 -2.24
CA THR B 354 -5.32 25.10 -1.50
C THR B 354 -6.28 23.94 -1.80
N ALA B 355 -6.12 23.26 -2.92
CA ALA B 355 -6.98 22.10 -3.28
C ALA B 355 -6.91 21.10 -2.13
N SER B 356 -8.04 20.45 -1.84
CA SER B 356 -8.21 19.49 -0.74
C SER B 356 -7.30 18.28 -1.01
N VAL B 357 -7.12 17.92 -2.28
CA VAL B 357 -6.13 16.88 -2.70
C VAL B 357 -5.39 17.41 -3.91
N ALA B 358 -4.11 17.04 -3.97
CA ALA B 358 -3.13 17.58 -4.92
C ALA B 358 -2.27 16.47 -5.49
N ARG B 359 -1.60 16.77 -6.58
CA ARG B 359 -0.62 15.86 -7.20
C ARG B 359 0.16 16.66 -8.23
N PHE B 360 1.35 16.19 -8.61
CA PHE B 360 2.21 16.84 -9.63
C PHE B 360 1.60 16.61 -11.01
N ARG B 361 1.30 17.71 -11.71
CA ARG B 361 0.91 17.71 -13.16
C ARG B 361 1.96 18.49 -13.96
N ASP B 362 2.01 18.24 -15.27
CA ASP B 362 2.98 18.85 -16.21
C ASP B 362 2.47 20.19 -16.74
N ALA B 363 1.38 20.74 -16.19
CA ALA B 363 0.87 22.08 -16.59
C ALA B 363 -0.16 22.60 -15.59
N PRO B 364 -0.28 23.94 -15.45
CA PRO B 364 -1.25 24.55 -14.52
C PRO B 364 -2.72 24.48 -14.99
P1 POP C . -15.28 -10.85 -8.05
O1 POP C . -14.43 -12.02 -8.48
O2 POP C . -16.26 -11.17 -6.96
O3 POP C . -15.98 -10.07 -9.19
O POP C . -14.20 -9.82 -7.31
P2 POP C . -14.67 -8.61 -6.35
O4 POP C . -15.19 -9.35 -5.12
O5 POP C . -13.45 -7.82 -6.02
O6 POP C . -15.73 -7.87 -7.15
MG MG D . -16.88 -8.23 -8.87
MG MG E . -16.46 -10.47 -11.16
MG MG F . -16.44 -11.01 -4.91
C1 EDO G . -34.64 -29.10 2.18
O1 EDO G . -35.54 -28.51 1.24
C2 EDO G . -33.46 -28.25 2.54
O2 EDO G . -32.17 -28.85 2.36
C1 EDO H . -9.56 -33.58 -18.14
O1 EDO H . -8.98 -32.35 -17.73
C2 EDO H . -9.08 -34.07 -19.46
O2 EDO H . -8.01 -34.99 -19.37
C1 EDO I . 5.85 -15.04 -27.61
O1 EDO I . 6.29 -16.23 -28.27
C2 EDO I . 6.84 -13.94 -27.64
O2 EDO I . 6.34 -12.72 -28.18
C1 EDO J . -13.71 -33.60 -5.90
O1 EDO J . -14.59 -32.92 -5.01
C2 EDO J . -13.21 -32.68 -6.96
O2 EDO J . -12.74 -33.28 -8.17
C1 EDO K . -0.06 -17.05 6.83
O1 EDO K . -0.87 -15.95 7.23
C2 EDO K . 0.00 -18.14 7.84
O2 EDO K . 0.75 -19.27 7.43
C1 EDO L . -18.37 -1.11 11.18
O1 EDO L . -19.31 -0.62 12.16
C2 EDO L . -17.70 -2.40 11.58
O2 EDO L . -17.58 -3.44 10.62
C1 EDO M . -0.89 1.04 -26.81
O1 EDO M . -0.82 0.19 -27.96
C2 EDO M . -0.07 0.65 -25.63
O2 EDO M . 0.62 1.75 -25.01
C1 EDO N . -11.53 -8.87 16.44
O1 EDO N . -11.97 -9.64 17.55
C2 EDO N . -11.03 -7.50 16.80
O2 EDO N . -9.64 -7.30 16.58
C1 PEG O . -23.93 -25.90 -1.28
O1 PEG O . -25.05 -26.58 -1.84
C2 PEG O . -23.72 -26.18 0.19
O2 PEG O . -24.80 -25.66 0.97
C3 PEG O . -25.27 -26.58 1.96
C4 PEG O . -26.12 -25.87 2.96
O4 PEG O . -25.62 -25.98 4.29
C TRS P . -7.20 -37.01 -13.43
C1 TRS P . -6.04 -36.09 -13.79
C2 TRS P . -7.65 -36.75 -12.00
C3 TRS P . -8.36 -36.85 -14.41
N TRS P . -6.71 -38.43 -13.51
O1 TRS P . -6.23 -35.44 -15.05
O2 TRS P . -8.25 -35.46 -11.86
O3 TRS P . -8.85 -35.51 -14.50
S SO4 Q . -12.88 -3.48 19.02
O1 SO4 Q . -13.12 -4.76 18.42
O2 SO4 Q . -12.42 -3.69 20.38
O3 SO4 Q . -14.11 -2.71 19.04
O4 SO4 Q . -11.87 -2.77 18.28
P1 POP R . 4.82 17.41 9.43
O1 POP R . 4.46 16.01 9.02
O2 POP R . 5.22 18.23 8.21
O3 POP R . 3.80 17.98 10.36
O POP R . 6.13 17.32 10.36
P2 POP R . 6.81 18.64 11.08
O4 POP R . 8.22 18.17 11.43
O5 POP R . 5.89 18.82 12.29
O6 POP R . 6.90 19.78 10.08
MG MG S . 6.32 20.00 8.12
MG MG T . 3.82 18.96 12.20
MG MG U . 6.21 19.30 14.28
C1 EDO V . 28.37 23.95 11.16
O1 EDO V . 27.94 24.43 9.89
C2 EDO V . 29.05 22.63 11.09
O2 EDO V . 29.90 22.48 9.96
C1 EDO W . 11.40 14.94 -10.23
O1 EDO W . 11.94 14.88 -8.91
C2 EDO W . 11.93 13.89 -11.16
O2 EDO W . 11.12 13.70 -12.30
C1 EDO X . 7.85 27.45 -13.42
O1 EDO X . 7.34 28.77 -13.29
C2 EDO X . 8.36 27.14 -14.78
O2 EDO X . 8.63 25.76 -14.99
C1 EDO Y . 16.07 -3.25 0.33
O1 EDO Y . 16.41 -1.92 -0.04
C2 EDO Y . 17.18 -3.97 1.02
O2 EDO Y . 16.92 -5.33 1.32
C1 EDO Z . 4.22 -11.96 5.20
O1 EDO Z . 4.11 -12.50 6.51
C2 EDO Z . 5.62 -12.00 4.69
O2 EDO Z . 5.86 -11.17 3.55
C1 EDO AA . -5.18 22.59 21.62
O1 EDO AA . -4.85 23.93 21.91
C2 EDO AA . -4.24 21.95 20.65
O2 EDO AA . -2.89 22.33 20.86
C1 EDO BA . 7.31 4.75 -7.68
O1 EDO BA . 7.03 3.39 -7.55
C2 EDO BA . 7.58 5.24 -6.32
O2 EDO BA . 8.90 4.95 -5.95
C1 PEG CA . 16.08 8.14 -5.32
O1 PEG CA . 14.90 7.45 -5.72
C2 PEG CA . 17.20 7.93 -6.29
O2 PEG CA . 18.35 7.40 -5.63
C3 PEG CA . 19.28 6.83 -6.54
C4 PEG CA . 20.67 7.13 -6.08
O4 PEG CA . 21.16 6.19 -5.13
C1 PEG DA . -11.74 13.81 -4.15
O1 PEG DA . -12.92 13.03 -4.08
C2 PEG DA . -10.93 13.71 -2.92
O2 PEG DA . -11.79 13.94 -1.81
C3 PEG DA . -11.10 14.29 -0.63
C4 PEG DA . -10.89 15.76 -0.51
O4 PEG DA . -10.02 16.08 0.58
#